data_6E1N
#
_entry.id   6E1N
#
_cell.length_a   1
_cell.length_b   1
_cell.length_c   1
_cell.angle_alpha   90.00
_cell.angle_beta   90.00
_cell.angle_gamma   90.00
#
_symmetry.space_group_name_H-M   'P 1'
#
loop_
_entity.id
_entity.type
_entity.pdbx_description
1 polymer 'Two pore calcium channel protein 1'
2 non-polymer 'CALCIUM ION'
3 non-polymer 'PALMITIC ACID'
4 non-polymer 1,2-DIACYL-GLYCEROL-3-SN-PHOSPHATE
5 water water
#
_entity_poly.entity_id   1
_entity_poly.type   'polypeptide(L)'
_entity_poly.pdbx_seq_one_letter_code
;MGGGGTDRVRR(SEP)EAI(TPO)HG(TPO)PFQKAAALVDLAEDGIGLPVEILDQSSFGESARYYFIFTRLDLIWSLNY
FALLFLNFFEQPLWCEKNPKPSCKDRDYYYLGELPYLTNAESIIYEVITLAILLVHTFFPISYEGSRIFWTSRLNLVKVA
CVVILFVDVLVDFLYLSPLAFDFLPFRIAPYVRVIIFILSIRELRDTLVLLSGMLGTYLNILALWMLFLLFASWIAFVMF
ENTQQGLTVFTSYGATLYQMFILFTTSNNPDVWIPAYKSSRWSSVFFVLYVLIGVYFVTNLILAVVYDSFKEQLAKQVSG
MDQMKRRMLEKAFGLIDSDKNGEIDKNQCIKLFEQLTNYRTLPKISKEEFGLIFDELDDTRDFKINKDEFADLCQAIALR
FQKEEVPSLFEHFPQIYHSALSQQLRAFVRSPNFGYAISFILIINFIAVVVETTLNIEESSAQKPWQVAEFVFGWIYVLE
MALKIYTYGFENYWREGANRFDFLVTWVIVIGETATFITPDENTFFSNGQWIRYLLLARMLRLIRLLMNVQRYRAFIATF
ITLIPSLMPYLGTIFCVLCIYCSIGVQVFGGLVNAGNKKLFETELAEDDYLLFNFNDYPNGMVTLFNLLVMGNWQVWMES
YKDLTGTWWSITYFVSFYVITILLLLNLVVAFVLEAFFTELDLEEEEKCQGQDSQEKRNRRRSAGSKSRSQRVDTLLHHM
LGDELSKPECSTSDTLVPR
;
_entity_poly.pdbx_strand_id   A,B
#
# COMPACT_ATOMS: atom_id res chain seq x y z
N GLU A 13 13.87 -0.97 47.54
CA GLU A 13 13.38 -1.30 46.21
C GLU A 13 12.05 -2.07 46.21
N ALA A 14 11.61 -2.45 45.02
CA ALA A 14 10.44 -3.29 44.84
C ALA A 14 10.73 -4.50 43.96
N ILE A 15 11.99 -4.80 43.68
CA ILE A 15 12.34 -5.86 42.75
C ILE A 15 12.12 -7.22 43.39
N HIS A 17 11.08 -9.63 46.02
CA HIS A 17 10.08 -9.60 47.06
C HIS A 17 9.09 -10.74 46.88
N GLY A 18 9.47 -11.73 46.07
CA GLY A 18 8.61 -12.87 45.85
C GLY A 18 8.66 -13.85 47.00
N PRO A 20 8.59 -12.56 50.41
CA PRO A 20 7.44 -12.21 51.25
C PRO A 20 6.12 -12.51 50.58
N PHE A 21 5.72 -11.62 49.67
CA PHE A 21 4.51 -11.75 48.86
C PHE A 21 3.26 -11.90 49.73
N GLN A 22 2.98 -10.86 50.52
CA GLN A 22 1.89 -10.93 51.48
C GLN A 22 0.54 -10.75 50.81
N LYS A 23 -0.47 -10.54 51.65
CA LYS A 23 -1.80 -10.21 51.17
C LYS A 23 -1.78 -8.90 50.40
N ALA A 24 -0.96 -7.96 50.84
CA ALA A 24 -0.94 -6.66 50.18
C ALA A 24 0.39 -6.43 49.46
N ALA A 25 1.41 -7.24 49.75
CA ALA A 25 2.76 -6.86 49.33
C ALA A 25 2.98 -7.10 47.84
N ALA A 26 2.95 -8.35 47.38
CA ALA A 26 3.23 -8.60 45.96
C ALA A 26 1.96 -8.62 45.15
N LEU A 27 0.81 -8.45 45.81
CA LEU A 27 -0.46 -8.42 45.11
C LEU A 27 -0.53 -7.25 44.14
N VAL A 28 0.03 -6.11 44.50
CA VAL A 28 0.04 -4.98 43.58
C VAL A 28 0.99 -5.24 42.43
N ASP A 29 2.01 -6.07 42.64
CA ASP A 29 2.93 -6.35 41.55
C ASP A 29 2.32 -7.36 40.60
N LEU A 30 1.36 -8.13 41.09
CA LEU A 30 0.49 -8.87 40.18
C LEU A 30 -0.34 -7.91 39.36
N ALA A 31 -0.84 -6.86 40.00
CA ALA A 31 -1.59 -5.86 39.27
C ALA A 31 -0.68 -5.04 38.39
N GLU A 32 0.60 -4.93 38.76
CA GLU A 32 1.58 -4.26 37.92
C GLU A 32 1.83 -5.03 36.62
N ASP A 33 1.75 -6.35 36.67
CA ASP A 33 2.10 -7.13 35.48
C ASP A 33 1.02 -7.09 34.42
N GLY A 34 -0.10 -6.41 34.68
CA GLY A 34 -1.01 -6.10 33.60
C GLY A 34 -0.55 -4.89 32.81
N ILE A 35 0.26 -4.03 33.43
CA ILE A 35 0.51 -2.70 32.87
C ILE A 35 1.49 -2.79 31.71
N GLY A 36 2.72 -3.25 31.96
CA GLY A 36 3.66 -3.46 30.89
C GLY A 36 3.46 -4.77 30.18
N LEU A 37 2.45 -5.53 30.61
CA LEU A 37 2.19 -6.93 30.31
C LEU A 37 3.43 -7.82 30.32
N PRO A 38 4.13 -8.00 31.45
CA PRO A 38 5.09 -9.11 31.50
C PRO A 38 4.35 -10.42 31.57
N VAL A 39 5.06 -11.49 31.25
CA VAL A 39 4.44 -12.81 31.29
C VAL A 39 4.79 -13.50 32.60
N GLU A 40 3.78 -14.08 33.22
CA GLU A 40 3.95 -15.18 34.15
C GLU A 40 3.32 -16.37 33.47
N ILE A 41 3.96 -17.55 33.60
CA ILE A 41 3.39 -18.75 33.01
C ILE A 41 2.13 -19.10 33.77
N LEU A 42 1.18 -19.74 33.08
CA LEU A 42 -0.14 -20.00 33.65
C LEU A 42 -0.04 -20.95 34.83
N ASP A 43 0.94 -21.86 34.79
CA ASP A 43 1.17 -22.75 35.92
C ASP A 43 1.69 -21.98 37.12
N GLN A 44 2.49 -20.94 36.89
CA GLN A 44 2.93 -20.08 37.98
C GLN A 44 1.76 -19.25 38.51
N SER A 45 0.71 -19.10 37.70
CA SER A 45 -0.52 -18.51 38.20
C SER A 45 -1.45 -19.57 38.78
N SER A 46 -1.17 -20.84 38.52
CA SER A 46 -2.13 -21.88 38.86
C SER A 46 -2.06 -22.25 40.34
N PHE A 47 -0.98 -21.88 41.01
CA PHE A 47 -0.68 -22.50 42.28
C PHE A 47 -1.48 -21.88 43.42
N GLY A 48 -1.76 -22.69 44.44
CA GLY A 48 -2.49 -22.19 45.59
C GLY A 48 -1.67 -21.22 46.42
N GLU A 49 -0.34 -21.37 46.40
CA GLU A 49 0.52 -20.33 46.94
C GLU A 49 0.84 -19.30 45.87
N SER A 50 1.15 -19.75 44.65
CA SER A 50 1.56 -18.98 43.48
C SER A 50 2.82 -18.15 43.72
N ALA A 51 3.55 -18.43 44.79
CA ALA A 51 4.81 -17.78 45.09
C ALA A 51 5.83 -18.75 45.67
N ARG A 52 5.83 -19.99 45.18
CA ARG A 52 6.63 -21.06 45.76
C ARG A 52 8.11 -20.88 45.44
N TYR A 53 8.88 -21.91 45.78
CA TYR A 53 10.31 -21.91 45.50
C TYR A 53 10.57 -21.98 44.00
N TYR A 54 9.60 -22.50 43.24
CA TYR A 54 9.67 -22.48 41.79
C TYR A 54 9.69 -21.05 41.25
N PHE A 55 8.90 -20.17 41.85
CA PHE A 55 8.78 -18.82 41.30
C PHE A 55 9.99 -17.97 41.67
N ILE A 56 10.75 -18.39 42.69
CA ILE A 56 12.01 -17.74 43.00
C ILE A 56 12.99 -17.94 41.85
N PHE A 57 12.90 -19.10 41.19
CA PHE A 57 13.74 -19.34 40.04
C PHE A 57 13.20 -18.61 38.80
N THR A 58 11.90 -18.33 38.77
CA THR A 58 11.32 -17.67 37.60
C THR A 58 11.83 -16.23 37.47
N ARG A 59 11.89 -15.51 38.58
CA ARG A 59 12.43 -14.16 38.54
C ARG A 59 13.95 -14.17 38.41
N LEU A 60 14.58 -15.33 38.58
CA LEU A 60 15.99 -15.43 38.25
C LEU A 60 16.21 -15.39 36.75
N ASP A 61 15.18 -15.73 35.96
CA ASP A 61 15.31 -15.67 34.52
C ASP A 61 15.25 -14.23 34.02
N LEU A 62 14.21 -13.51 34.43
CA LEU A 62 13.93 -12.21 33.82
C LEU A 62 14.93 -11.16 34.27
N ILE A 63 15.70 -11.43 35.33
CA ILE A 63 16.86 -10.59 35.61
C ILE A 63 18.02 -11.02 34.73
N TRP A 64 18.22 -12.32 34.58
CA TRP A 64 19.34 -12.81 33.78
C TRP A 64 18.98 -12.99 32.32
N SER A 65 18.01 -12.23 31.80
CA SER A 65 17.56 -12.46 30.44
C SER A 65 18.55 -11.95 29.42
N LEU A 66 19.19 -10.81 29.68
CA LEU A 66 20.04 -10.20 28.66
C LEU A 66 21.37 -10.94 28.56
N ASN A 67 21.58 -11.92 29.42
CA ASN A 67 22.63 -12.89 29.17
C ASN A 67 22.31 -13.73 27.95
N TYR A 68 21.03 -13.84 27.60
CA TYR A 68 20.67 -14.76 26.52
C TYR A 68 20.82 -14.08 25.18
N PHE A 69 20.82 -12.75 25.15
CA PHE A 69 20.95 -12.11 23.86
C PHE A 69 22.41 -11.99 23.48
N ALA A 70 23.29 -12.21 24.44
CA ALA A 70 24.66 -12.57 24.11
C ALA A 70 24.79 -14.06 23.90
N LEU A 71 23.66 -14.76 23.77
CA LEU A 71 23.68 -16.09 23.17
C LEU A 71 22.87 -16.09 21.89
N LEU A 72 21.65 -15.53 21.94
CA LEU A 72 20.72 -15.69 20.84
C LEU A 72 21.21 -14.94 19.62
N PHE A 73 21.71 -13.73 19.80
CA PHE A 73 22.38 -13.08 18.69
C PHE A 73 23.73 -13.72 18.44
N LEU A 74 24.35 -14.27 19.49
CA LEU A 74 25.67 -14.84 19.33
C LEU A 74 25.61 -16.08 18.47
N ASN A 75 24.57 -16.88 18.66
CA ASN A 75 24.40 -18.10 17.89
C ASN A 75 24.01 -17.76 16.46
N PHE A 76 23.27 -16.69 16.30
CA PHE A 76 22.62 -16.41 15.04
C PHE A 76 23.58 -15.75 14.07
N PHE A 77 24.61 -15.12 14.59
CA PHE A 77 25.57 -14.39 13.79
C PHE A 77 26.83 -15.18 13.64
N GLU A 78 26.81 -16.40 14.14
CA GLU A 78 27.91 -17.31 13.90
C GLU A 78 27.99 -17.64 12.42
N GLN A 79 26.85 -17.74 11.77
CA GLN A 79 26.79 -18.28 10.41
C GLN A 79 27.54 -17.49 9.35
N PRO A 80 27.70 -16.16 9.40
CA PRO A 80 28.64 -15.56 8.44
C PRO A 80 30.07 -15.95 8.68
N LEU A 81 30.42 -16.29 9.92
CA LEU A 81 31.82 -16.54 10.21
C LEU A 81 32.26 -17.94 9.79
N TRP A 82 31.36 -18.74 9.25
CA TRP A 82 31.65 -20.13 8.91
C TRP A 82 31.97 -20.31 7.44
N CYS A 83 32.38 -21.53 7.12
CA CYS A 83 33.08 -21.77 5.88
C CYS A 83 32.09 -21.86 4.73
N GLU A 84 32.61 -21.88 3.52
CA GLU A 84 31.79 -22.38 2.44
C GLU A 84 31.56 -23.86 2.69
N LYS A 85 30.44 -24.38 2.19
CA LYS A 85 30.22 -25.82 2.23
C LYS A 85 31.32 -26.56 1.51
N ASN A 86 31.63 -26.16 0.29
CA ASN A 86 32.58 -26.88 -0.53
C ASN A 86 33.80 -26.04 -0.90
N PRO A 87 34.76 -25.91 0.01
CA PRO A 87 36.12 -25.66 -0.47
C PRO A 87 36.93 -26.93 -0.60
N LYS A 88 36.49 -28.01 0.05
CA LYS A 88 37.35 -29.20 0.16
C LYS A 88 37.43 -30.02 -1.12
N PRO A 89 36.37 -30.19 -1.93
CA PRO A 89 36.61 -30.76 -3.27
C PRO A 89 37.37 -29.83 -4.21
N SER A 90 37.45 -28.55 -3.90
CA SER A 90 37.85 -27.55 -4.87
C SER A 90 39.35 -27.57 -5.14
N CYS A 91 39.72 -27.04 -6.30
CA CYS A 91 41.07 -26.54 -6.53
C CYS A 91 41.06 -25.02 -6.45
N LYS A 92 42.25 -24.46 -6.24
CA LYS A 92 42.44 -23.03 -5.98
C LYS A 92 41.61 -22.56 -4.79
N ASP A 93 41.94 -23.08 -3.61
CA ASP A 93 41.20 -22.76 -2.40
C ASP A 93 41.36 -21.31 -1.98
N ARG A 94 42.57 -20.91 -1.58
CA ARG A 94 42.73 -19.73 -0.74
C ARG A 94 42.73 -18.45 -1.56
N ASP A 95 42.65 -18.58 -2.88
CA ASP A 95 42.25 -17.47 -3.73
C ASP A 95 40.87 -16.99 -3.28
N TYR A 96 40.80 -15.76 -2.84
CA TYR A 96 39.53 -15.06 -2.72
C TYR A 96 39.15 -14.60 -4.11
N TYR A 97 38.60 -15.52 -4.88
CA TYR A 97 37.92 -15.19 -6.13
C TYR A 97 36.48 -14.90 -5.73
N TYR A 98 36.17 -13.61 -5.60
CA TYR A 98 34.87 -13.03 -5.31
C TYR A 98 34.34 -13.38 -3.95
N LEU A 99 35.14 -13.93 -3.04
CA LEU A 99 34.59 -14.30 -1.76
C LEU A 99 34.48 -13.10 -0.84
N GLY A 100 34.19 -13.40 0.43
CA GLY A 100 33.88 -12.36 1.38
C GLY A 100 35.12 -11.78 2.02
N GLU A 101 34.94 -11.15 3.18
CA GLU A 101 36.09 -10.54 3.83
C GLU A 101 36.26 -11.04 5.27
N LEU A 102 35.21 -11.57 5.86
CA LEU A 102 35.34 -12.13 7.19
C LEU A 102 36.12 -13.44 7.13
N PRO A 103 37.01 -13.69 8.07
CA PRO A 103 37.77 -14.94 8.05
C PRO A 103 36.89 -16.09 8.51
N TYR A 104 37.00 -17.22 7.83
CA TYR A 104 36.17 -18.35 8.19
C TYR A 104 36.80 -19.03 9.37
N LEU A 105 35.99 -19.34 10.37
CA LEU A 105 36.54 -19.91 11.57
C LEU A 105 36.90 -21.37 11.35
N THR A 106 38.18 -21.67 11.57
CA THR A 106 38.70 -23.00 11.34
C THR A 106 38.27 -23.93 12.47
N ASN A 107 38.60 -25.22 12.30
CA ASN A 107 38.07 -26.26 13.18
C ASN A 107 38.59 -26.15 14.60
N ALA A 108 39.72 -25.46 14.78
CA ALA A 108 40.08 -25.02 16.11
C ALA A 108 39.05 -24.03 16.65
N GLU A 109 38.80 -22.96 15.90
CA GLU A 109 37.90 -21.92 16.39
C GLU A 109 36.45 -22.29 16.16
N SER A 110 36.20 -23.38 15.43
CA SER A 110 34.82 -23.81 15.20
C SER A 110 34.19 -24.30 16.48
N ILE A 111 34.86 -25.20 17.18
CA ILE A 111 34.22 -25.93 18.26
C ILE A 111 34.23 -25.08 19.53
N ILE A 112 35.25 -24.23 19.68
CA ILE A 112 35.39 -23.44 20.90
C ILE A 112 34.27 -22.42 21.01
N TYR A 113 33.76 -21.97 19.87
CA TYR A 113 32.67 -21.03 19.88
C TYR A 113 31.36 -21.72 20.24
N GLU A 114 31.32 -23.04 20.16
CA GLU A 114 30.05 -23.74 20.23
C GLU A 114 29.80 -24.33 21.61
N VAL A 115 30.86 -24.56 22.37
CA VAL A 115 30.68 -25.00 23.75
C VAL A 115 30.13 -23.87 24.58
N ILE A 116 30.53 -22.64 24.27
CA ILE A 116 29.90 -21.46 24.82
C ILE A 116 28.42 -21.47 24.46
N THR A 117 28.13 -21.86 23.22
CA THR A 117 26.80 -21.71 22.69
C THR A 117 25.87 -22.78 23.22
N LEU A 118 26.33 -24.03 23.25
CA LEU A 118 25.46 -25.09 23.76
C LEU A 118 25.41 -25.12 25.28
N ALA A 119 26.27 -24.36 25.94
CA ALA A 119 26.04 -24.18 27.37
C ALA A 119 24.76 -23.39 27.59
N ILE A 120 24.71 -22.19 27.04
CA ILE A 120 23.71 -21.20 27.46
C ILE A 120 22.37 -21.51 26.81
N LEU A 121 22.36 -22.35 25.78
CA LEU A 121 21.11 -22.95 25.37
C LEU A 121 20.54 -23.86 26.44
N LEU A 122 21.36 -24.79 26.93
CA LEU A 122 20.86 -25.81 27.84
C LEU A 122 20.45 -25.22 29.17
N VAL A 123 21.10 -24.14 29.57
CA VAL A 123 20.65 -23.39 30.72
C VAL A 123 19.29 -22.76 30.43
N HIS A 124 19.15 -22.18 29.24
CA HIS A 124 17.91 -21.52 28.88
C HIS A 124 16.81 -22.51 28.56
N THR A 125 17.14 -23.60 27.88
CA THR A 125 16.08 -24.49 27.45
C THR A 125 15.60 -25.37 28.59
N PHE A 126 16.51 -25.90 29.40
CA PHE A 126 16.10 -26.65 30.58
C PHE A 126 15.97 -25.79 31.80
N PHE A 127 15.73 -24.51 31.61
CA PHE A 127 15.33 -23.66 32.72
C PHE A 127 13.97 -24.00 33.33
N PRO A 128 12.86 -24.09 32.59
CA PRO A 128 11.57 -23.88 33.26
C PRO A 128 11.05 -25.09 34.01
N ILE A 129 11.77 -26.21 34.01
CA ILE A 129 11.36 -27.31 34.88
C ILE A 129 11.62 -26.93 36.34
N SER A 130 12.46 -25.90 36.54
CA SER A 130 12.51 -25.21 37.83
C SER A 130 11.15 -24.66 38.23
N TYR A 131 10.32 -24.27 37.27
CA TYR A 131 8.98 -23.82 37.60
C TYR A 131 7.87 -24.51 36.82
N GLU A 132 8.13 -25.68 36.25
CA GLU A 132 7.06 -26.45 35.64
C GLU A 132 7.17 -27.89 36.09
N GLY A 133 6.03 -28.58 36.06
CA GLY A 133 6.04 -30.01 36.17
C GLY A 133 6.63 -30.63 34.92
N SER A 134 7.28 -31.79 35.09
CA SER A 134 7.91 -32.47 33.98
C SER A 134 6.88 -32.94 32.96
N ARG A 135 5.66 -33.22 33.42
CA ARG A 135 4.59 -33.60 32.51
C ARG A 135 3.97 -32.38 31.83
N ILE A 136 4.49 -31.19 32.12
CA ILE A 136 3.95 -29.98 31.50
C ILE A 136 4.97 -29.42 30.52
N PHE A 137 6.23 -29.37 30.97
CA PHE A 137 7.38 -29.07 30.12
C PHE A 137 7.44 -29.99 28.93
N TRP A 138 7.42 -31.30 29.18
CA TRP A 138 7.64 -32.24 28.09
C TRP A 138 6.38 -32.47 27.31
N THR A 139 5.25 -31.91 27.75
CA THR A 139 4.04 -32.00 26.95
C THR A 139 3.94 -30.83 25.99
N SER A 140 4.52 -29.69 26.36
CA SER A 140 4.36 -28.44 25.63
C SER A 140 4.91 -28.50 24.21
N ARG A 141 4.01 -28.39 23.23
CA ARG A 141 4.34 -28.56 21.82
C ARG A 141 5.33 -27.51 21.35
N LEU A 142 5.27 -26.32 21.95
CA LEU A 142 6.29 -25.31 21.70
C LEU A 142 7.63 -25.75 22.25
N ASN A 143 7.64 -26.30 23.46
CA ASN A 143 8.87 -26.73 24.09
C ASN A 143 9.43 -27.97 23.41
N LEU A 144 8.55 -28.81 22.89
CA LEU A 144 8.98 -30.02 22.19
C LEU A 144 9.85 -29.69 20.99
N VAL A 145 9.57 -28.57 20.32
CA VAL A 145 10.36 -28.24 19.14
C VAL A 145 11.71 -27.72 19.55
N LYS A 146 11.75 -26.88 20.58
CA LYS A 146 13.00 -26.20 20.91
C LYS A 146 13.99 -27.17 21.53
N VAL A 147 13.52 -28.16 22.27
CA VAL A 147 14.41 -29.21 22.78
C VAL A 147 14.89 -30.08 21.63
N ALA A 148 14.01 -30.36 20.68
CA ALA A 148 14.41 -31.14 19.51
C ALA A 148 15.38 -30.35 18.65
N CYS A 149 15.26 -29.03 18.65
CA CYS A 149 16.22 -28.23 17.92
C CYS A 149 17.55 -28.16 18.66
N VAL A 150 17.52 -28.33 19.98
CA VAL A 150 18.78 -28.37 20.72
C VAL A 150 19.58 -29.61 20.35
N VAL A 151 18.92 -30.77 20.40
CA VAL A 151 19.58 -32.06 20.29
C VAL A 151 20.23 -32.22 18.92
N ILE A 152 19.63 -31.61 17.90
CA ILE A 152 20.24 -31.61 16.58
C ILE A 152 21.55 -30.85 16.61
N LEU A 153 21.57 -29.72 17.29
CA LEU A 153 22.85 -29.02 17.45
C LEU A 153 23.76 -29.76 18.41
N PHE A 154 23.18 -30.40 19.43
CA PHE A 154 23.97 -31.13 20.40
C PHE A 154 24.62 -32.34 19.76
N VAL A 155 23.92 -32.97 18.82
CA VAL A 155 24.57 -33.94 17.95
C VAL A 155 25.61 -33.26 17.10
N ASP A 156 25.23 -32.18 16.40
CA ASP A 156 26.04 -31.70 15.29
C ASP A 156 27.32 -31.05 15.79
N VAL A 157 27.34 -30.62 17.05
CA VAL A 157 28.60 -30.17 17.62
C VAL A 157 29.54 -31.35 17.79
N LEU A 158 28.99 -32.45 18.29
CA LEU A 158 29.81 -33.57 18.69
C LEU A 158 30.35 -34.32 17.49
N VAL A 159 29.57 -34.34 16.40
CA VAL A 159 30.02 -34.98 15.18
C VAL A 159 31.11 -34.16 14.53
N ASP A 160 31.01 -32.84 14.64
CA ASP A 160 31.98 -31.98 13.97
C ASP A 160 33.32 -32.01 14.68
N PHE A 161 33.35 -32.50 15.92
CA PHE A 161 34.61 -32.68 16.63
C PHE A 161 35.44 -33.77 15.97
N LEU A 162 34.93 -35.00 15.98
CA LEU A 162 35.67 -36.13 15.44
C LEU A 162 35.84 -36.03 13.93
N TYR A 163 34.74 -35.77 13.22
CA TYR A 163 34.69 -35.53 11.77
C TYR A 163 35.27 -36.66 10.94
N PRO A 173 25.49 -36.47 3.56
CA PRO A 173 25.24 -35.37 4.50
C PRO A 173 25.42 -34.01 3.84
N PHE A 174 24.68 -33.02 4.31
CA PHE A 174 24.83 -31.65 3.86
C PHE A 174 24.94 -30.65 4.99
N ARG A 175 25.19 -31.12 6.22
CA ARG A 175 25.41 -30.30 7.40
C ARG A 175 24.23 -29.37 7.70
N ILE A 176 23.12 -29.97 8.13
CA ILE A 176 22.04 -29.15 8.64
C ILE A 176 22.29 -28.90 10.12
N ALA A 177 23.28 -28.09 10.42
CA ALA A 177 23.26 -27.21 11.57
C ALA A 177 22.62 -25.86 11.28
N PRO A 178 23.01 -25.10 10.23
CA PRO A 178 22.68 -23.67 10.28
C PRO A 178 21.25 -23.36 9.92
N TYR A 179 20.48 -24.33 9.46
CA TYR A 179 19.05 -24.10 9.34
C TYR A 179 18.43 -24.04 10.71
N VAL A 180 18.96 -24.80 11.66
CA VAL A 180 18.32 -24.92 12.96
C VAL A 180 18.55 -23.67 13.79
N ARG A 181 19.76 -23.12 13.72
CA ARG A 181 20.16 -22.02 14.59
C ARG A 181 19.28 -20.82 14.38
N VAL A 182 18.73 -20.67 13.18
CA VAL A 182 17.67 -19.70 12.96
C VAL A 182 16.43 -20.09 13.75
N ILE A 183 16.01 -21.35 13.65
CA ILE A 183 14.69 -21.71 14.17
C ILE A 183 14.72 -21.77 15.69
N ILE A 184 15.89 -21.99 16.28
CA ILE A 184 16.03 -21.71 17.70
C ILE A 184 15.86 -20.24 17.96
N PHE A 185 16.50 -19.43 17.14
CA PHE A 185 16.48 -18.00 17.36
C PHE A 185 15.10 -17.40 17.08
N ILE A 186 14.32 -18.02 16.20
CA ILE A 186 12.97 -17.52 15.99
C ILE A 186 12.10 -17.82 17.18
N LEU A 187 12.18 -19.05 17.68
CA LEU A 187 11.27 -19.45 18.75
C LEU A 187 11.69 -18.88 20.09
N SER A 188 12.95 -18.42 20.20
CA SER A 188 13.43 -17.96 21.49
C SER A 188 12.88 -16.61 21.86
N ILE A 189 12.91 -15.65 20.96
CA ILE A 189 12.50 -14.30 21.34
C ILE A 189 11.03 -14.09 21.04
N ARG A 190 10.31 -13.59 22.03
CA ARG A 190 8.86 -13.67 22.05
C ARG A 190 8.24 -12.81 20.97
N GLU A 191 8.93 -11.77 20.54
CA GLU A 191 8.48 -10.99 19.38
C GLU A 191 8.40 -11.84 18.13
N LEU A 192 9.45 -12.58 17.83
CA LEU A 192 9.47 -13.37 16.60
C LEU A 192 8.54 -14.57 16.70
N ARG A 193 8.29 -15.04 17.91
CA ARG A 193 7.35 -16.14 18.03
C ARG A 193 5.92 -15.65 17.96
N ASP A 194 5.64 -14.47 18.53
CA ASP A 194 4.32 -13.87 18.38
C ASP A 194 4.04 -13.53 16.94
N THR A 195 5.06 -13.06 16.23
CA THR A 195 4.90 -12.69 14.83
C THR A 195 4.54 -13.88 13.97
N LEU A 196 5.15 -15.01 14.27
CA LEU A 196 5.08 -16.12 13.34
C LEU A 196 3.76 -16.85 13.50
N VAL A 197 3.08 -16.63 14.62
CA VAL A 197 1.74 -17.18 14.82
C VAL A 197 0.78 -16.59 13.80
N LEU A 198 1.00 -15.31 13.44
CA LEU A 198 0.17 -14.65 12.44
C LEU A 198 0.26 -15.37 11.12
N LEU A 199 1.44 -15.83 10.76
CA LEU A 199 1.61 -16.46 9.46
C LEU A 199 1.24 -17.93 9.49
N SER A 200 0.57 -18.36 10.56
CA SER A 200 -0.29 -19.53 10.43
C SER A 200 -1.73 -19.11 10.20
N GLY A 201 -2.14 -17.99 10.78
CA GLY A 201 -3.48 -17.51 10.57
C GLY A 201 -3.64 -16.76 9.26
N MET A 202 -2.57 -16.11 8.80
CA MET A 202 -2.69 -15.37 7.55
C MET A 202 -2.58 -16.30 6.37
N LEU A 203 -1.92 -17.43 6.57
CA LEU A 203 -1.43 -18.20 5.45
C LEU A 203 -2.56 -18.95 4.78
N GLY A 204 -3.60 -19.26 5.55
CA GLY A 204 -4.78 -19.87 4.99
C GLY A 204 -5.58 -18.91 4.13
N THR A 205 -5.36 -17.61 4.32
CA THR A 205 -6.04 -16.65 3.47
C THR A 205 -5.14 -16.26 2.31
N TYR A 206 -3.85 -16.17 2.58
CA TYR A 206 -2.89 -15.78 1.55
C TYR A 206 -2.74 -16.84 0.48
N LEU A 207 -2.75 -18.11 0.87
CA LEU A 207 -2.52 -19.14 -0.13
C LEU A 207 -3.70 -19.31 -1.05
N ASN A 208 -4.91 -19.08 -0.56
CA ASN A 208 -6.05 -19.20 -1.43
C ASN A 208 -6.08 -18.08 -2.45
N ILE A 209 -5.54 -16.93 -2.09
CA ILE A 209 -5.56 -15.87 -3.07
C ILE A 209 -4.39 -16.00 -4.01
N LEU A 210 -3.42 -16.82 -3.65
CA LEU A 210 -2.28 -17.00 -4.49
C LEU A 210 -2.64 -17.86 -5.68
N ALA A 211 -3.58 -18.79 -5.48
CA ALA A 211 -4.08 -19.59 -6.57
C ALA A 211 -4.79 -18.72 -7.59
N LEU A 212 -5.38 -17.63 -7.14
CA LEU A 212 -5.99 -16.69 -8.06
C LEU A 212 -4.95 -15.77 -8.66
N TRP A 213 -3.84 -15.57 -7.98
CA TRP A 213 -2.72 -14.87 -8.59
C TRP A 213 -2.03 -15.72 -9.62
N MET A 214 -1.70 -16.96 -9.23
CA MET A 214 -1.01 -17.90 -10.10
C MET A 214 -1.79 -18.14 -11.37
N LEU A 215 -3.10 -18.05 -11.27
CA LEU A 215 -3.97 -18.12 -12.42
C LEU A 215 -3.79 -16.92 -13.34
N PHE A 216 -3.44 -15.76 -12.78
CA PHE A 216 -3.42 -14.55 -13.59
C PHE A 216 -2.23 -14.54 -14.53
N LEU A 217 -1.10 -15.04 -14.08
CA LEU A 217 0.01 -15.18 -15.00
C LEU A 217 -0.28 -16.22 -16.06
N LEU A 218 -0.81 -17.38 -15.65
CA LEU A 218 -0.99 -18.50 -16.56
C LEU A 218 -1.99 -18.19 -17.64
N PHE A 219 -3.06 -17.50 -17.28
CA PHE A 219 -4.00 -17.05 -18.27
C PHE A 219 -3.36 -16.07 -19.22
N ALA A 220 -2.48 -15.23 -18.70
CA ALA A 220 -1.95 -14.17 -19.53
C ALA A 220 -0.55 -14.50 -20.02
N SER A 221 0.03 -15.59 -19.55
CA SER A 221 1.18 -16.12 -20.27
C SER A 221 0.71 -16.89 -21.49
N TRP A 222 -0.53 -17.35 -21.42
CA TRP A 222 -1.06 -18.19 -22.48
C TRP A 222 -1.40 -17.38 -23.71
N ILE A 223 -1.96 -16.19 -23.51
CA ILE A 223 -2.37 -15.38 -24.65
C ILE A 223 -1.17 -14.86 -25.40
N ALA A 224 -0.18 -14.32 -24.70
CA ALA A 224 0.97 -13.75 -25.38
C ALA A 224 1.86 -14.82 -25.98
N PHE A 225 1.76 -16.04 -25.50
CA PHE A 225 2.38 -17.14 -26.23
C PHE A 225 1.59 -17.43 -27.49
N VAL A 226 0.28 -17.49 -27.37
CA VAL A 226 -0.61 -17.71 -28.50
C VAL A 226 -0.52 -16.56 -29.49
N MET A 227 -0.48 -15.33 -28.96
CA MET A 227 -0.56 -14.14 -29.81
C MET A 227 0.72 -13.94 -30.59
N PHE A 228 1.83 -14.36 -30.04
CA PHE A 228 3.11 -14.03 -30.65
C PHE A 228 3.90 -15.22 -31.08
N GLU A 229 3.25 -16.36 -31.31
CA GLU A 229 3.91 -17.42 -32.06
C GLU A 229 4.24 -16.95 -33.46
N ASN A 230 3.35 -16.17 -34.05
CA ASN A 230 3.45 -15.85 -35.46
C ASN A 230 4.55 -14.84 -35.72
N THR A 231 4.69 -13.85 -34.86
CA THR A 231 5.54 -12.70 -35.11
C THR A 231 6.99 -12.98 -34.73
N GLN A 232 7.76 -11.89 -34.64
CA GLN A 232 9.17 -11.96 -34.31
C GLN A 232 9.39 -12.39 -32.86
N GLN A 233 8.38 -12.21 -32.03
CA GLN A 233 8.54 -12.45 -30.59
C GLN A 233 8.77 -13.91 -30.30
N GLY A 234 7.97 -14.78 -30.89
CA GLY A 234 8.13 -16.21 -30.67
C GLY A 234 9.40 -16.74 -31.27
N LEU A 235 9.93 -16.06 -32.27
CA LEU A 235 11.27 -16.38 -32.75
C LEU A 235 12.32 -16.02 -31.72
N THR A 236 12.08 -14.97 -30.95
CA THR A 236 13.15 -14.44 -30.13
C THR A 236 13.05 -14.89 -28.69
N VAL A 237 11.94 -14.55 -28.03
CA VAL A 237 11.85 -14.79 -26.60
C VAL A 237 10.79 -15.83 -26.33
N PHE A 238 9.66 -15.74 -27.01
CA PHE A 238 8.50 -16.49 -26.55
C PHE A 238 8.45 -17.87 -27.18
N THR A 239 9.62 -18.49 -27.39
CA THR A 239 9.73 -19.77 -28.08
C THR A 239 8.90 -20.84 -27.40
N SER A 240 9.29 -21.22 -26.19
CA SER A 240 8.53 -22.16 -25.38
C SER A 240 7.29 -21.47 -24.86
N TYR A 241 6.32 -22.24 -24.43
CA TYR A 241 5.27 -21.67 -23.60
C TYR A 241 5.82 -21.26 -22.26
N GLY A 242 6.58 -22.16 -21.63
CA GLY A 242 7.09 -21.87 -20.32
C GLY A 242 8.18 -20.82 -20.33
N ALA A 243 8.66 -20.47 -21.53
CA ALA A 243 9.48 -19.28 -21.67
C ALA A 243 8.62 -18.03 -21.86
N THR A 244 7.31 -18.16 -21.77
CA THR A 244 6.53 -16.96 -21.56
C THR A 244 6.02 -16.88 -20.15
N LEU A 245 5.72 -18.02 -19.56
CA LEU A 245 5.42 -18.07 -18.15
C LEU A 245 6.57 -17.51 -17.35
N TYR A 246 7.78 -17.75 -17.81
CA TYR A 246 8.96 -17.15 -17.23
C TYR A 246 8.98 -15.65 -17.43
N GLN A 247 8.75 -15.19 -18.65
CA GLN A 247 8.93 -13.77 -18.97
C GLN A 247 7.75 -12.94 -18.51
N MET A 248 6.53 -13.38 -18.76
CA MET A 248 5.39 -12.58 -18.30
C MET A 248 5.25 -12.60 -16.78
N PHE A 249 5.93 -13.53 -16.12
CA PHE A 249 6.10 -13.42 -14.68
C PHE A 249 7.00 -12.27 -14.31
N ILE A 250 8.07 -12.08 -15.07
CA ILE A 250 8.97 -11.00 -14.71
C ILE A 250 8.34 -9.66 -15.04
N LEU A 251 7.41 -9.62 -15.98
CA LEU A 251 6.68 -8.39 -16.19
C LEU A 251 5.73 -8.11 -15.05
N PHE A 252 5.29 -9.13 -14.33
CA PHE A 252 4.47 -8.87 -13.16
C PHE A 252 5.27 -8.16 -12.09
N THR A 253 6.59 -8.37 -12.09
CA THR A 253 7.40 -7.67 -11.14
C THR A 253 7.77 -6.29 -11.64
N THR A 254 7.74 -6.10 -12.96
CA THR A 254 8.27 -4.96 -13.72
C THR A 254 9.67 -4.58 -13.31
N SER A 255 10.54 -5.54 -13.10
CA SER A 255 11.94 -5.21 -13.17
C SER A 255 12.44 -5.43 -14.56
N ASN A 256 11.54 -5.57 -15.51
CA ASN A 256 11.91 -5.88 -16.87
C ASN A 256 10.97 -5.27 -17.89
N ASN A 257 10.58 -4.01 -17.76
CA ASN A 257 9.43 -3.61 -18.56
C ASN A 257 9.72 -3.31 -20.02
N PRO A 258 10.76 -2.60 -20.43
CA PRO A 258 10.92 -2.43 -21.87
C PRO A 258 11.64 -3.58 -22.53
N ASP A 259 12.53 -4.26 -21.82
CA ASP A 259 13.39 -5.25 -22.45
C ASP A 259 12.66 -6.51 -22.81
N VAL A 260 11.48 -6.73 -22.23
CA VAL A 260 10.71 -7.89 -22.64
C VAL A 260 10.17 -7.66 -24.03
N TRP A 261 9.52 -6.54 -24.25
CA TRP A 261 8.71 -6.42 -25.43
C TRP A 261 9.24 -5.45 -26.45
N ILE A 262 10.56 -5.26 -26.53
CA ILE A 262 11.14 -4.56 -27.67
C ILE A 262 10.79 -5.21 -29.00
N PRO A 263 11.05 -6.50 -29.26
CA PRO A 263 10.79 -6.95 -30.64
C PRO A 263 9.32 -7.20 -30.91
N ALA A 264 8.46 -7.05 -29.91
CA ALA A 264 7.05 -6.91 -30.21
C ALA A 264 6.70 -5.45 -30.42
N TYR A 265 7.46 -4.53 -29.81
CA TYR A 265 7.22 -3.12 -30.05
C TYR A 265 7.86 -2.67 -31.36
N LYS A 266 9.00 -3.26 -31.69
CA LYS A 266 9.77 -2.82 -32.83
C LYS A 266 9.05 -3.11 -34.13
N SER A 267 8.28 -4.18 -34.16
CA SER A 267 7.64 -4.58 -35.41
C SER A 267 6.28 -3.92 -35.58
N SER A 268 5.41 -4.01 -34.59
CA SER A 268 4.16 -3.30 -34.69
C SER A 268 3.92 -2.60 -33.36
N ARG A 269 3.51 -1.34 -33.44
CA ARG A 269 3.37 -0.55 -32.23
C ARG A 269 2.21 -1.03 -31.40
N TRP A 270 1.28 -1.72 -32.04
CA TRP A 270 0.05 -2.16 -31.39
C TRP A 270 0.25 -3.34 -30.45
N SER A 271 1.48 -3.79 -30.26
CA SER A 271 1.70 -4.81 -29.25
C SER A 271 2.02 -4.19 -27.91
N SER A 272 2.28 -2.90 -27.87
CA SER A 272 2.39 -2.22 -26.58
C SER A 272 1.05 -2.20 -25.89
N VAL A 273 -0.03 -1.97 -26.63
CA VAL A 273 -1.37 -1.82 -26.05
C VAL A 273 -1.82 -3.13 -25.41
N PHE A 274 -1.25 -4.25 -25.83
CA PHE A 274 -1.27 -5.42 -24.95
C PHE A 274 -0.46 -5.18 -23.70
N PHE A 275 0.85 -5.00 -23.86
CA PHE A 275 1.75 -5.07 -22.71
C PHE A 275 1.58 -3.91 -21.77
N VAL A 276 1.16 -2.76 -22.27
CA VAL A 276 0.86 -1.67 -21.36
C VAL A 276 -0.46 -1.90 -20.68
N LEU A 277 -1.25 -2.86 -21.16
CA LEU A 277 -2.47 -3.16 -20.45
C LEU A 277 -2.27 -4.31 -19.48
N TYR A 278 -1.44 -5.28 -19.85
CA TYR A 278 -1.19 -6.38 -18.93
C TYR A 278 -0.45 -5.92 -17.69
N VAL A 279 0.59 -5.11 -17.85
CA VAL A 279 1.34 -4.63 -16.69
C VAL A 279 0.46 -3.77 -15.81
N LEU A 280 -0.38 -2.97 -16.44
CA LEU A 280 -1.29 -2.08 -15.74
C LEU A 280 -2.26 -2.86 -14.86
N ILE A 281 -2.85 -3.91 -15.41
CA ILE A 281 -3.71 -4.76 -14.59
C ILE A 281 -2.87 -5.56 -13.63
N GLY A 282 -1.64 -5.88 -14.03
CA GLY A 282 -0.80 -6.71 -13.19
C GLY A 282 -0.30 -5.98 -11.96
N VAL A 283 0.30 -4.82 -12.16
CA VAL A 283 0.91 -4.15 -11.02
C VAL A 283 -0.13 -3.41 -10.25
N TYR A 284 -0.87 -2.55 -10.92
CA TYR A 284 -1.59 -1.53 -10.19
C TYR A 284 -2.90 -2.03 -9.67
N PHE A 285 -3.37 -3.20 -10.10
CA PHE A 285 -4.57 -3.74 -9.47
C PHE A 285 -4.24 -4.92 -8.58
N VAL A 286 -3.56 -5.92 -9.13
CA VAL A 286 -3.42 -7.18 -8.43
C VAL A 286 -2.44 -7.03 -7.28
N THR A 287 -1.35 -6.31 -7.48
CA THR A 287 -0.37 -6.20 -6.39
C THR A 287 -0.85 -5.20 -5.35
N ASN A 288 -1.89 -4.45 -5.67
CA ASN A 288 -2.67 -3.84 -4.61
C ASN A 288 -3.66 -4.84 -4.05
N LEU A 289 -4.23 -5.68 -4.89
CA LEU A 289 -5.24 -6.58 -4.38
C LEU A 289 -4.64 -7.81 -3.73
N ILE A 290 -3.36 -8.06 -3.91
CA ILE A 290 -2.70 -8.94 -2.96
C ILE A 290 -2.48 -8.20 -1.66
N LEU A 291 -2.13 -6.92 -1.76
CA LEU A 291 -1.89 -6.13 -0.56
C LEU A 291 -3.17 -5.92 0.22
N ALA A 292 -4.29 -5.74 -0.48
CA ALA A 292 -5.56 -5.50 0.19
C ALA A 292 -5.97 -6.66 1.06
N VAL A 293 -5.80 -7.88 0.57
CA VAL A 293 -6.15 -9.06 1.37
C VAL A 293 -5.19 -9.21 2.52
N VAL A 294 -3.91 -9.11 2.23
CA VAL A 294 -2.89 -9.35 3.23
C VAL A 294 -2.89 -8.22 4.26
N TYR A 295 -3.36 -7.05 3.87
CA TYR A 295 -3.64 -6.04 4.87
C TYR A 295 -4.97 -6.31 5.56
N ASP A 296 -5.87 -7.03 4.91
CA ASP A 296 -7.14 -7.26 5.59
C ASP A 296 -7.01 -8.37 6.62
N SER A 297 -6.32 -9.45 6.27
CA SER A 297 -6.17 -10.53 7.24
C SER A 297 -5.24 -10.14 8.35
N PHE A 298 -4.30 -9.24 8.08
CA PHE A 298 -3.43 -8.77 9.15
C PHE A 298 -4.22 -8.00 10.19
N LYS A 299 -5.27 -7.29 9.78
CA LYS A 299 -6.15 -6.66 10.75
C LYS A 299 -6.81 -7.68 11.64
N GLU A 300 -7.25 -8.78 11.05
CA GLU A 300 -8.01 -9.75 11.82
C GLU A 300 -7.09 -10.63 12.65
N GLN A 301 -5.85 -10.81 12.20
CA GLN A 301 -4.91 -11.55 13.02
C GLN A 301 -4.37 -10.69 14.13
N LEU A 302 -4.33 -9.38 13.94
CA LEU A 302 -3.72 -8.54 14.95
C LEU A 302 -4.63 -8.44 16.15
N ALA A 303 -5.92 -8.26 15.93
CA ALA A 303 -6.86 -8.21 17.03
C ALA A 303 -6.96 -9.56 17.73
N LYS A 304 -6.96 -10.65 16.95
CA LYS A 304 -7.03 -11.99 17.51
C LYS A 304 -5.78 -12.30 18.30
N GLN A 305 -4.67 -11.70 17.93
CA GLN A 305 -3.53 -11.74 18.82
C GLN A 305 -3.76 -10.87 20.04
N VAL A 306 -4.32 -9.67 19.85
CA VAL A 306 -4.44 -8.71 20.95
C VAL A 306 -5.47 -9.20 21.97
N SER A 307 -6.58 -9.75 21.50
CA SER A 307 -7.51 -10.36 22.45
C SER A 307 -6.93 -11.63 23.04
N GLY A 308 -5.93 -12.20 22.39
CA GLY A 308 -5.16 -13.26 23.03
C GLY A 308 -4.21 -12.70 24.06
N MET A 309 -4.01 -11.39 24.06
CA MET A 309 -3.18 -10.79 25.10
C MET A 309 -4.04 -10.33 26.27
N ASP A 310 -5.32 -10.05 26.02
CA ASP A 310 -6.14 -9.51 27.10
C ASP A 310 -6.81 -10.61 27.92
N GLN A 311 -6.92 -11.81 27.38
CA GLN A 311 -7.23 -12.91 28.27
C GLN A 311 -6.05 -13.19 29.18
N MET A 312 -4.84 -12.90 28.71
CA MET A 312 -3.72 -12.95 29.63
C MET A 312 -3.81 -11.81 30.64
N LYS A 313 -4.49 -10.71 30.29
CA LYS A 313 -4.77 -9.70 31.30
C LYS A 313 -5.84 -10.18 32.27
N ARG A 314 -6.94 -10.73 31.73
CA ARG A 314 -8.04 -11.18 32.59
C ARG A 314 -7.64 -12.39 33.41
N ARG A 315 -6.85 -13.30 32.83
CA ARG A 315 -6.35 -14.41 33.63
C ARG A 315 -5.17 -14.00 34.50
N MET A 316 -4.73 -12.75 34.39
CA MET A 316 -3.90 -12.22 35.46
C MET A 316 -4.75 -11.52 36.51
N LEU A 317 -5.73 -10.73 36.08
CA LEU A 317 -6.43 -9.94 37.08
C LEU A 317 -7.44 -10.77 37.85
N GLU A 318 -7.82 -11.93 37.32
CA GLU A 318 -8.56 -12.89 38.12
C GLU A 318 -7.72 -13.37 39.27
N LYS A 319 -6.42 -13.57 39.04
CA LYS A 319 -5.53 -13.87 40.14
C LYS A 319 -5.39 -12.68 41.06
N ALA A 320 -5.43 -11.47 40.49
CA ALA A 320 -5.33 -10.28 41.32
C ALA A 320 -6.59 -10.09 42.15
N PHE A 321 -7.72 -10.57 41.65
CA PHE A 321 -8.96 -10.46 42.41
C PHE A 321 -9.09 -11.63 43.37
N GLY A 322 -8.63 -12.81 42.96
CA GLY A 322 -8.78 -13.98 43.80
C GLY A 322 -7.78 -14.01 44.94
N LEU A 323 -6.71 -13.23 44.83
CA LEU A 323 -5.77 -13.19 45.93
C LEU A 323 -6.31 -12.36 47.09
N ILE A 324 -7.30 -11.52 46.80
CA ILE A 324 -7.77 -10.59 47.82
C ILE A 324 -8.68 -11.28 48.81
N ASP A 325 -9.79 -11.81 48.33
CA ASP A 325 -10.87 -12.24 49.21
C ASP A 325 -10.55 -13.63 49.73
N SER A 326 -10.74 -13.83 51.03
CA SER A 326 -10.58 -15.15 51.61
C SER A 326 -11.89 -15.92 51.56
N ASP A 327 -13.01 -15.22 51.79
CA ASP A 327 -14.32 -15.83 51.61
C ASP A 327 -14.58 -16.09 50.14
N LYS A 328 -13.99 -15.27 49.28
CA LYS A 328 -14.20 -15.28 47.83
C LYS A 328 -15.68 -15.15 47.50
N ASN A 329 -16.34 -14.24 48.22
CA ASN A 329 -17.75 -13.95 48.00
C ASN A 329 -17.97 -13.25 46.66
N GLY A 330 -16.93 -12.61 46.13
CA GLY A 330 -16.97 -12.03 44.81
C GLY A 330 -16.80 -10.53 44.89
N GLU A 331 -16.52 -10.04 46.09
CA GLU A 331 -16.58 -8.60 46.31
C GLU A 331 -15.48 -8.16 47.26
N ILE A 332 -14.99 -6.96 47.00
CA ILE A 332 -13.98 -6.29 47.79
C ILE A 332 -14.53 -4.93 48.22
N ASP A 333 -14.36 -4.59 49.50
CA ASP A 333 -14.84 -3.32 50.02
C ASP A 333 -13.95 -2.17 49.55
N LYS A 334 -14.44 -0.95 49.76
CA LYS A 334 -13.74 0.24 49.31
C LYS A 334 -12.45 0.45 50.08
N ASN A 335 -12.50 0.38 51.42
CA ASN A 335 -11.28 0.45 52.21
C ASN A 335 -10.40 -0.76 51.95
N GLN A 336 -11.03 -1.88 51.65
CA GLN A 336 -10.31 -3.07 51.21
C GLN A 336 -9.69 -2.83 49.84
N CYS A 337 -10.26 -1.89 49.08
CA CYS A 337 -9.63 -1.44 47.84
C CYS A 337 -8.72 -0.25 48.09
N ILE A 338 -9.03 0.55 49.11
CA ILE A 338 -8.14 1.67 49.46
C ILE A 338 -6.86 1.14 50.08
N LYS A 339 -6.94 0.00 50.79
CA LYS A 339 -5.71 -0.55 51.35
C LYS A 339 -4.82 -1.15 50.26
N LEU A 340 -5.40 -1.42 49.08
CA LEU A 340 -4.58 -1.69 47.91
C LEU A 340 -3.87 -0.44 47.47
N PHE A 341 -4.60 0.68 47.48
CA PHE A 341 -4.03 1.96 47.09
C PHE A 341 -2.99 2.41 48.11
N GLU A 342 -3.18 2.06 49.38
CA GLU A 342 -2.16 2.33 50.37
C GLU A 342 -0.97 1.39 50.18
N GLN A 343 -1.23 0.16 49.79
CA GLN A 343 -0.13 -0.77 49.51
C GLN A 343 0.35 -0.62 48.08
N LEU A 344 -0.21 0.32 47.34
CA LEU A 344 0.21 0.57 45.97
C LEU A 344 1.62 1.15 45.89
N THR A 345 2.15 1.65 47.01
CA THR A 345 3.17 2.70 47.03
C THR A 345 2.74 3.85 46.13
N ASN A 346 1.61 4.47 46.48
CA ASN A 346 0.78 5.27 45.59
C ASN A 346 1.44 6.58 45.22
N TYR A 347 0.79 7.32 44.32
CA TYR A 347 1.38 8.45 43.60
C TYR A 347 1.69 9.59 44.57
N ARG A 348 0.72 10.34 45.07
CA ARG A 348 0.94 11.15 46.27
C ARG A 348 -0.34 11.37 47.08
N THR A 349 -1.48 10.93 46.57
CA THR A 349 -2.76 11.41 47.08
C THR A 349 -3.77 10.27 47.10
N LEU A 350 -4.35 9.99 48.27
CA LEU A 350 -5.49 9.08 48.26
C LEU A 350 -6.70 9.49 49.12
N PRO A 351 -7.24 10.75 49.08
CA PRO A 351 -8.44 10.99 49.91
C PRO A 351 -9.73 10.41 49.36
N LYS A 352 -9.98 10.63 48.05
CA LYS A 352 -11.21 10.13 47.42
C LYS A 352 -11.01 9.74 45.96
N ILE A 353 -9.85 9.20 45.55
CA ILE A 353 -9.61 8.93 44.13
C ILE A 353 -10.48 7.79 43.63
N SER A 354 -10.66 6.75 44.44
CA SER A 354 -11.66 5.73 44.12
C SER A 354 -13.05 6.33 44.11
N LYS A 355 -13.33 7.22 45.05
CA LYS A 355 -14.60 7.96 45.05
C LYS A 355 -14.65 8.95 43.90
N GLU A 356 -13.50 9.43 43.43
CA GLU A 356 -13.49 10.23 42.21
C GLU A 356 -13.73 9.34 41.01
N GLU A 357 -13.16 8.14 41.02
CA GLU A 357 -13.22 7.26 39.85
C GLU A 357 -14.41 6.31 39.91
N PHE A 358 -15.40 6.59 40.74
CA PHE A 358 -16.59 5.74 40.77
C PHE A 358 -17.35 5.79 39.45
N GLY A 359 -17.97 6.93 39.14
CA GLY A 359 -18.69 7.04 37.89
C GLY A 359 -17.77 7.24 36.70
N LEU A 360 -16.54 7.70 36.96
CA LEU A 360 -15.59 7.95 35.88
C LEU A 360 -15.15 6.67 35.22
N ILE A 361 -14.89 5.63 36.01
CA ILE A 361 -14.83 4.28 35.51
C ILE A 361 -16.26 3.97 35.05
N PHE A 362 -16.35 3.38 33.86
CA PHE A 362 -17.47 3.34 32.91
C PHE A 362 -18.81 3.14 33.60
N ASP A 363 -19.02 2.06 34.34
CA ASP A 363 -20.30 1.82 35.00
C ASP A 363 -20.09 1.35 36.43
N GLU A 364 -20.75 2.03 37.35
CA GLU A 364 -21.04 1.49 38.67
C GLU A 364 -22.54 1.57 38.87
N LEU A 365 -23.15 0.48 39.31
CA LEU A 365 -24.58 0.51 39.62
C LEU A 365 -24.80 1.19 40.96
N ASP A 366 -23.78 1.14 41.83
CA ASP A 366 -23.71 1.77 43.15
C ASP A 366 -24.87 1.32 44.05
N ASP A 367 -25.06 0.01 44.13
CA ASP A 367 -26.16 -0.53 44.93
C ASP A 367 -25.87 -0.37 46.41
N THR A 368 -24.83 -1.04 46.90
CA THR A 368 -24.37 -0.90 48.28
C THR A 368 -23.51 0.36 48.32
N ARG A 369 -23.39 0.95 49.51
CA ARG A 369 -22.84 2.27 49.74
C ARG A 369 -21.43 2.46 49.18
N ASP A 370 -20.50 1.56 49.51
CA ASP A 370 -19.16 1.63 48.95
C ASP A 370 -18.69 0.27 48.41
N PHE A 371 -19.15 -0.81 49.03
CA PHE A 371 -18.57 -2.14 48.93
C PHE A 371 -19.26 -2.97 47.84
N LYS A 372 -19.37 -2.43 46.64
CA LYS A 372 -19.93 -3.15 45.51
C LYS A 372 -18.92 -3.21 44.36
N ILE A 373 -18.00 -4.17 44.43
CA ILE A 373 -17.01 -4.35 43.38
C ILE A 373 -17.12 -5.80 42.91
N ASN A 374 -17.18 -5.98 41.60
CA ASN A 374 -17.26 -7.32 41.04
C ASN A 374 -15.89 -7.64 40.46
N LYS A 375 -15.72 -8.90 40.03
CA LYS A 375 -14.48 -9.37 39.43
C LYS A 375 -14.17 -8.62 38.15
N ASP A 376 -15.20 -8.19 37.42
CA ASP A 376 -14.96 -7.41 36.22
C ASP A 376 -14.67 -5.95 36.56
N GLU A 377 -15.21 -5.48 37.68
CA GLU A 377 -15.18 -4.04 37.99
C GLU A 377 -13.76 -3.57 38.28
N PHE A 378 -12.92 -4.44 38.84
CA PHE A 378 -11.57 -4.03 39.17
C PHE A 378 -10.69 -3.86 37.94
N ALA A 379 -10.99 -4.61 36.88
CA ALA A 379 -10.07 -4.71 35.74
C ALA A 379 -9.95 -3.39 35.00
N ASP A 380 -10.93 -2.50 35.16
CA ASP A 380 -10.78 -1.16 34.60
C ASP A 380 -9.91 -0.30 35.50
N LEU A 381 -9.93 -0.56 36.81
CA LEU A 381 -9.28 0.32 37.76
C LEU A 381 -7.77 0.26 37.66
N CYS A 382 -7.21 -0.93 37.51
CA CYS A 382 -5.77 -1.02 37.41
C CYS A 382 -5.28 -0.52 36.06
N GLN A 383 -6.12 -0.65 35.03
CA GLN A 383 -5.77 -0.08 33.73
C GLN A 383 -5.88 1.44 33.76
N ALA A 384 -6.80 1.97 34.56
CA ALA A 384 -6.98 3.42 34.60
C ALA A 384 -5.82 4.11 35.31
N ILE A 385 -5.24 3.45 36.30
CA ILE A 385 -4.07 4.04 36.95
C ILE A 385 -2.86 3.92 36.05
N ALA A 386 -2.86 2.90 35.19
CA ALA A 386 -1.81 2.77 34.19
C ALA A 386 -1.93 3.87 33.13
N LEU A 387 -3.11 3.99 32.52
CA LEU A 387 -3.28 4.89 31.38
C LEU A 387 -3.20 6.35 31.79
N ARG A 388 -4.11 6.80 32.64
CA ARG A 388 -4.22 8.22 32.94
C ARG A 388 -3.31 8.68 34.06
N PHE A 389 -3.34 8.01 35.21
CA PHE A 389 -2.72 8.58 36.40
C PHE A 389 -1.21 8.36 36.40
N GLN A 390 -0.76 7.18 35.94
CA GLN A 390 0.66 6.80 35.86
C GLN A 390 1.34 6.93 37.22
N LYS A 391 0.97 6.07 38.15
CA LYS A 391 1.30 6.30 39.54
C LYS A 391 2.72 5.91 39.93
N GLU A 392 3.26 4.81 39.41
CA GLU A 392 4.36 4.12 40.06
C GLU A 392 5.69 4.38 39.36
N GLU A 393 6.77 4.24 40.12
CA GLU A 393 8.14 4.26 39.61
C GLU A 393 9.03 3.53 40.60
N VAL A 394 9.85 2.63 40.11
CA VAL A 394 10.65 1.74 40.94
C VAL A 394 12.00 2.39 41.17
N PRO A 395 12.42 2.58 42.42
CA PRO A 395 13.72 3.25 42.64
C PRO A 395 14.92 2.36 42.40
N SER A 396 14.90 1.11 42.89
CA SER A 396 15.94 0.08 42.75
C SER A 396 17.28 0.55 43.32
N LEU A 397 17.40 0.72 44.64
CA LEU A 397 18.37 1.59 45.35
C LEU A 397 19.82 1.20 45.02
N PHE A 398 20.35 0.13 45.59
CA PHE A 398 21.75 -0.28 45.45
C PHE A 398 21.82 -1.71 45.94
N GLU A 399 22.95 -2.34 45.68
CA GLU A 399 23.29 -3.47 46.52
C GLU A 399 23.80 -2.92 47.85
N HIS A 400 23.56 -3.69 48.92
CA HIS A 400 23.36 -3.08 50.23
C HIS A 400 24.65 -2.62 50.89
N PHE A 401 25.80 -2.95 50.31
CA PHE A 401 27.05 -2.57 50.98
C PHE A 401 27.48 -1.13 50.72
N PRO A 402 27.53 -0.58 49.45
CA PRO A 402 27.87 0.84 49.31
C PRO A 402 26.67 1.79 49.31
N GLN A 403 25.50 1.30 49.75
CA GLN A 403 24.24 2.00 49.50
C GLN A 403 24.16 3.33 50.23
N ILE A 404 24.41 3.32 51.54
CA ILE A 404 24.14 4.51 52.37
C ILE A 404 25.14 5.62 52.06
N TYR A 405 26.35 5.25 51.65
CA TYR A 405 27.31 6.24 51.16
C TYR A 405 26.76 6.97 49.94
N HIS A 406 26.06 6.24 49.08
CA HIS A 406 25.65 6.81 47.81
C HIS A 406 24.19 7.23 47.83
N SER A 407 23.38 6.65 48.73
CA SER A 407 21.97 7.04 48.81
C SER A 407 21.83 8.43 49.41
N ALA A 408 22.74 8.81 50.30
CA ALA A 408 22.75 10.18 50.79
C ALA A 408 23.29 11.13 49.73
N LEU A 409 24.34 10.70 49.02
CA LEU A 409 25.02 11.57 48.09
C LEU A 409 24.23 11.71 46.78
N SER A 410 23.29 10.78 46.53
CA SER A 410 22.45 10.88 45.34
C SER A 410 21.46 12.03 45.44
N GLN A 411 21.12 12.43 46.67
CA GLN A 411 20.19 13.55 46.85
C GLN A 411 20.88 14.87 46.55
N GLN A 412 22.21 14.86 46.47
CA GLN A 412 22.96 16.02 46.02
C GLN A 412 23.27 15.92 44.53
N LEU A 413 23.18 14.71 43.97
CA LEU A 413 23.22 14.56 42.51
C LEU A 413 21.82 14.64 41.89
N ARG A 414 20.91 13.77 42.33
CA ARG A 414 19.69 13.56 41.55
C ARG A 414 18.66 14.64 41.84
N ALA A 415 18.99 15.58 42.73
CA ALA A 415 18.30 16.86 42.73
C ALA A 415 18.59 17.63 41.46
N PHE A 416 19.77 17.43 40.86
CA PHE A 416 20.15 18.25 39.71
C PHE A 416 19.49 17.73 38.44
N VAL A 417 19.44 16.41 38.27
CA VAL A 417 18.99 15.87 36.98
C VAL A 417 17.47 15.86 36.90
N ARG A 418 16.80 15.64 38.02
CA ARG A 418 15.34 15.58 38.01
C ARG A 418 14.73 16.98 37.86
N SER A 419 15.54 18.03 38.06
CA SER A 419 15.14 19.36 37.62
C SER A 419 15.02 19.41 36.10
N PRO A 420 13.82 19.73 35.58
CA PRO A 420 13.55 19.46 34.15
C PRO A 420 14.13 20.48 33.19
N ASN A 421 14.50 21.66 33.67
CA ASN A 421 15.30 22.56 32.85
C ASN A 421 16.68 21.97 32.62
N PHE A 422 17.25 21.33 33.64
CA PHE A 422 18.46 20.55 33.44
C PHE A 422 18.17 19.31 32.60
N GLY A 423 16.97 18.76 32.72
CA GLY A 423 16.55 17.71 31.80
C GLY A 423 16.38 18.23 30.38
N TYR A 424 15.90 19.48 30.24
CA TYR A 424 16.01 20.16 28.96
C TYR A 424 17.46 20.48 28.63
N ALA A 425 18.29 20.74 29.64
CA ALA A 425 19.71 20.95 29.37
C ALA A 425 20.39 19.65 28.96
N ILE A 426 19.80 18.50 29.30
CA ILE A 426 20.24 17.26 28.69
C ILE A 426 19.93 17.27 27.19
N SER A 427 18.87 17.97 26.79
CA SER A 427 18.67 18.19 25.36
C SER A 427 19.48 19.39 24.85
N PHE A 428 19.66 20.41 25.70
CA PHE A 428 20.38 21.60 25.26
C PHE A 428 21.88 21.36 25.11
N ILE A 429 22.50 20.69 26.08
CA ILE A 429 23.96 20.47 26.01
C ILE A 429 24.28 19.38 24.99
N LEU A 430 23.29 18.54 24.66
CA LEU A 430 23.50 17.54 23.63
C LEU A 430 23.59 18.19 22.25
N ILE A 431 23.10 19.43 22.13
CA ILE A 431 23.29 20.20 20.90
C ILE A 431 24.75 20.63 20.76
N ILE A 432 25.40 20.96 21.88
CA ILE A 432 26.79 21.44 21.87
C ILE A 432 27.74 20.32 21.44
N ASN A 433 27.37 19.08 21.74
CA ASN A 433 28.31 17.96 21.78
C ASN A 433 28.85 17.60 20.39
N PHE A 434 28.03 17.77 19.35
CA PHE A 434 28.48 17.40 18.01
C PHE A 434 29.21 18.53 17.31
N ILE A 435 29.13 19.75 17.86
CA ILE A 435 29.55 20.94 17.14
C ILE A 435 31.08 20.98 16.99
N ALA A 436 31.80 20.46 17.98
CA ALA A 436 33.26 20.59 17.98
C ALA A 436 33.92 19.68 16.96
N VAL A 437 33.20 18.66 16.49
CA VAL A 437 33.84 17.53 15.80
C VAL A 437 34.16 17.88 14.36
N VAL A 438 33.43 18.85 13.78
CA VAL A 438 33.61 19.19 12.37
C VAL A 438 34.93 19.90 12.13
N VAL A 439 35.24 20.93 12.94
CA VAL A 439 36.50 21.65 12.76
C VAL A 439 37.67 20.81 13.26
N GLU A 440 37.44 20.01 14.29
CA GLU A 440 38.48 19.17 14.87
C GLU A 440 38.89 18.06 13.92
N THR A 441 38.01 17.70 12.99
CA THR A 441 38.32 16.71 11.95
C THR A 441 39.49 17.15 11.08
N THR A 442 39.45 18.39 10.60
CA THR A 442 40.53 18.89 9.73
C THR A 442 41.81 19.10 10.52
N LEU A 443 41.68 19.55 11.77
CA LEU A 443 42.84 20.01 12.53
C LEU A 443 43.58 18.86 13.19
N ASN A 444 42.96 17.69 13.29
CA ASN A 444 43.69 16.50 13.73
C ASN A 444 44.63 16.01 12.64
N ILE A 445 44.33 16.36 11.38
CA ILE A 445 45.24 16.06 10.28
C ILE A 445 46.42 17.03 10.28
N GLU A 446 46.16 18.28 10.63
CA GLU A 446 47.17 19.34 10.60
C GLU A 446 47.82 19.50 11.97
N VAL A 456 46.10 7.04 21.56
CA VAL A 456 45.93 7.77 20.32
C VAL A 456 45.06 9.00 20.60
N ALA A 457 45.11 10.00 19.73
CA ALA A 457 44.29 11.19 19.91
C ALA A 457 42.83 10.91 19.60
N GLU A 458 42.57 9.87 18.80
CA GLU A 458 41.20 9.56 18.38
C GLU A 458 40.40 8.99 19.54
N PHE A 459 41.09 8.33 20.48
CA PHE A 459 40.41 7.68 21.60
C PHE A 459 40.05 8.69 22.69
N VAL A 460 40.61 9.90 22.60
CA VAL A 460 40.39 10.93 23.61
C VAL A 460 38.93 11.39 23.61
N PHE A 461 38.32 11.44 22.42
CA PHE A 461 36.96 11.94 22.30
C PHE A 461 35.92 10.86 22.65
N GLY A 462 36.37 9.64 22.93
CA GLY A 462 35.47 8.63 23.43
C GLY A 462 35.04 8.91 24.85
N TRP A 463 35.89 9.58 25.62
CA TRP A 463 35.59 9.86 27.01
C TRP A 463 34.48 10.90 27.14
N ILE A 464 34.35 11.78 26.15
CA ILE A 464 33.34 12.82 26.20
C ILE A 464 31.96 12.21 25.94
N TYR A 465 31.93 11.15 25.14
CA TYR A 465 30.68 10.54 24.72
C TYR A 465 30.07 9.69 25.83
N VAL A 466 30.91 8.98 26.59
CA VAL A 466 30.41 8.09 27.62
C VAL A 466 29.87 8.90 28.80
N LEU A 467 30.43 10.10 28.97
CA LEU A 467 30.24 10.89 30.18
C LEU A 467 28.80 11.36 30.33
N GLU A 468 28.17 11.76 29.24
CA GLU A 468 26.80 12.25 29.32
C GLU A 468 25.81 11.12 29.62
N MET A 469 26.14 9.90 29.21
CA MET A 469 25.18 8.82 29.40
C MET A 469 25.40 8.11 30.72
N ALA A 470 26.51 8.35 31.40
CA ALA A 470 26.70 7.76 32.72
C ALA A 470 25.83 8.44 33.77
N LEU A 471 25.30 9.62 33.44
CA LEU A 471 24.57 10.42 34.41
C LEU A 471 23.19 9.85 34.69
N LYS A 472 22.39 9.68 33.64
CA LYS A 472 20.96 9.46 33.79
C LYS A 472 20.66 8.01 34.11
N ILE A 473 21.64 7.12 33.89
CA ILE A 473 21.53 5.74 34.36
C ILE A 473 21.30 5.72 35.86
N TYR A 474 22.07 6.52 36.58
CA TYR A 474 21.97 6.57 38.02
C TYR A 474 20.74 7.34 38.43
N THR A 475 20.32 8.28 37.59
CA THR A 475 19.11 9.03 37.86
C THR A 475 17.88 8.15 37.65
N TYR A 476 17.93 7.27 36.67
CA TYR A 476 16.74 6.48 36.36
C TYR A 476 16.75 5.17 37.11
N GLY A 477 17.86 4.46 37.05
CA GLY A 477 17.73 3.05 37.24
C GLY A 477 17.89 2.31 35.92
N PHE A 478 18.26 1.05 36.03
CA PHE A 478 18.90 0.36 34.91
C PHE A 478 17.85 -0.09 33.91
N GLU A 479 16.86 -0.83 34.36
CA GLU A 479 15.74 -1.16 33.50
C GLU A 479 14.85 0.05 33.30
N ASN A 480 14.90 1.00 34.24
CA ASN A 480 14.29 2.30 34.02
C ASN A 480 14.97 3.01 32.86
N TYR A 481 16.27 2.81 32.70
CA TYR A 481 16.92 3.24 31.47
C TYR A 481 16.52 2.36 30.30
N TRP A 482 16.24 1.08 30.56
CA TRP A 482 15.82 0.20 29.46
C TRP A 482 14.39 0.48 29.04
N ARG A 483 13.59 1.07 29.91
CA ARG A 483 12.20 1.38 29.52
C ARG A 483 12.14 2.61 28.63
N GLU A 484 13.24 3.32 28.48
CA GLU A 484 13.25 4.52 27.66
C GLU A 484 13.25 4.13 26.18
N GLY A 485 12.82 5.04 25.32
CA GLY A 485 12.38 4.66 23.99
C GLY A 485 13.50 4.17 23.10
N ALA A 486 14.37 5.08 22.67
CA ALA A 486 15.49 4.66 21.85
C ALA A 486 16.81 4.96 22.52
N ASN A 487 16.76 5.58 23.70
CA ASN A 487 17.95 5.67 24.53
C ASN A 487 18.38 4.29 24.98
N ARG A 488 17.42 3.38 25.11
CA ARG A 488 17.68 1.95 25.14
C ARG A 488 18.61 1.53 24.01
N PHE A 489 18.31 1.99 22.79
CA PHE A 489 19.12 1.60 21.65
C PHE A 489 20.45 2.31 21.66
N ASP A 490 20.55 3.42 22.39
CA ASP A 490 21.77 4.23 22.38
C ASP A 490 22.90 3.51 23.10
N PHE A 491 22.64 2.98 24.30
CA PHE A 491 23.68 2.32 25.07
C PHE A 491 24.07 1.00 24.41
N LEU A 492 23.15 0.42 23.66
CA LEU A 492 23.48 -0.68 22.77
C LEU A 492 24.56 -0.28 21.78
N VAL A 493 24.46 0.92 21.22
CA VAL A 493 25.49 1.41 20.31
C VAL A 493 26.74 1.80 21.08
N THR A 494 26.53 2.41 22.25
CA THR A 494 27.56 3.17 22.96
C THR A 494 28.72 2.30 23.41
N TRP A 495 28.43 1.16 24.02
CA TRP A 495 29.50 0.35 24.59
C TRP A 495 30.36 -0.30 23.50
N VAL A 496 29.76 -0.60 22.35
CA VAL A 496 30.53 -1.18 21.26
C VAL A 496 31.47 -0.14 20.68
N ILE A 497 31.07 1.13 20.74
CA ILE A 497 31.96 2.22 20.37
C ILE A 497 33.17 2.26 21.29
N VAL A 498 32.93 2.01 22.58
CA VAL A 498 34.03 1.87 23.51
C VAL A 498 34.81 0.60 23.22
N ILE A 499 34.12 -0.46 22.85
CA ILE A 499 34.80 -1.73 22.56
C ILE A 499 35.52 -1.65 21.23
N GLY A 500 34.94 -0.97 20.25
CA GLY A 500 35.53 -0.94 18.92
C GLY A 500 36.77 -0.06 18.84
N GLU A 501 36.95 0.81 19.84
CA GLU A 501 38.12 1.68 19.85
C GLU A 501 39.33 1.00 20.50
N THR A 502 39.09 0.01 21.35
CA THR A 502 40.21 -0.69 21.96
C THR A 502 40.84 -1.67 20.98
N ALA A 503 40.02 -2.35 20.19
CA ALA A 503 40.52 -3.23 19.15
C ALA A 503 40.97 -2.43 17.94
N GLN A 518 38.49 7.82 12.95
CA GLN A 518 37.96 7.76 11.59
C GLN A 518 36.48 7.39 11.52
N TRP A 519 36.11 6.26 12.09
CA TRP A 519 34.72 5.83 11.99
C TRP A 519 33.84 6.65 12.93
N ILE A 520 34.43 7.21 13.98
CA ILE A 520 33.73 8.06 14.94
C ILE A 520 33.14 9.27 14.25
N ARG A 521 33.84 9.77 13.23
CA ARG A 521 33.35 10.83 12.34
C ARG A 521 31.98 10.47 11.77
N TYR A 522 31.81 9.21 11.36
CA TYR A 522 30.53 8.79 10.80
C TYR A 522 29.60 8.36 11.91
N LEU A 523 30.15 8.25 13.11
CA LEU A 523 29.38 7.84 14.27
C LEU A 523 28.93 9.04 15.08
N LEU A 524 29.40 10.22 14.70
CA LEU A 524 28.89 11.49 15.22
C LEU A 524 27.40 11.67 14.97
N LEU A 525 26.88 11.03 13.92
CA LEU A 525 25.60 11.42 13.35
C LEU A 525 24.44 10.95 14.22
N ALA A 526 24.73 10.08 15.17
CA ALA A 526 23.68 9.57 16.05
C ALA A 526 23.22 10.64 17.01
N ARG A 527 24.04 11.67 17.24
CA ARG A 527 23.60 12.75 18.13
C ARG A 527 22.57 13.62 17.46
N MET A 528 22.80 14.00 16.20
CA MET A 528 21.83 14.83 15.49
C MET A 528 20.63 14.00 15.06
N LEU A 529 20.78 12.68 15.08
CA LEU A 529 19.70 11.76 14.78
C LEU A 529 18.55 11.91 15.75
N ARG A 530 18.81 12.35 16.96
CA ARG A 530 17.73 12.49 17.93
C ARG A 530 17.26 13.93 18.02
N LEU A 531 17.85 14.79 17.19
CA LEU A 531 17.36 16.17 17.14
C LEU A 531 16.18 16.28 16.19
N ILE A 532 15.95 15.24 15.39
CA ILE A 532 14.78 15.19 14.52
C ILE A 532 13.64 14.62 15.33
N ARG A 533 13.96 14.18 16.54
CA ARG A 533 12.93 13.93 17.51
C ARG A 533 12.48 15.21 18.18
N LEU A 534 13.14 16.33 17.90
CA LEU A 534 12.56 17.63 18.16
C LEU A 534 11.83 18.16 16.95
N LEU A 535 11.79 17.42 15.87
CA LEU A 535 10.98 17.86 14.75
C LEU A 535 9.55 17.38 14.89
N MET A 536 9.34 16.40 15.76
CA MET A 536 8.03 15.76 15.76
C MET A 536 7.01 16.58 16.55
N ASN A 537 7.48 17.56 17.30
CA ASN A 537 6.54 18.42 18.02
C ASN A 537 5.95 19.49 17.11
N VAL A 538 6.54 19.66 15.92
CA VAL A 538 5.99 20.58 14.93
C VAL A 538 4.68 20.05 14.41
N GLN A 539 3.65 20.89 14.45
CA GLN A 539 2.30 20.43 14.21
C GLN A 539 2.06 20.09 12.76
N ARG A 540 2.79 20.74 11.86
CA ARG A 540 2.61 20.46 10.45
C ARG A 540 3.13 19.07 10.10
N TYR A 541 4.19 18.64 10.79
CA TYR A 541 4.89 17.41 10.48
C TYR A 541 4.76 16.41 11.61
N ARG A 542 3.67 16.44 12.36
CA ARG A 542 3.66 15.69 13.60
C ARG A 542 3.35 14.22 13.36
N ALA A 543 2.21 13.93 12.74
CA ALA A 543 1.73 12.55 12.69
C ALA A 543 2.60 11.69 11.80
N PHE A 544 3.42 12.30 10.96
CA PHE A 544 4.43 11.54 10.25
C PHE A 544 5.49 11.04 11.20
N ILE A 545 6.11 11.96 11.93
CA ILE A 545 7.24 11.55 12.74
C ILE A 545 6.76 10.98 14.06
N ALA A 546 5.48 11.18 14.37
CA ALA A 546 4.87 10.40 15.44
C ALA A 546 4.86 8.93 15.08
N THR A 547 4.59 8.61 13.83
CA THR A 547 4.71 7.22 13.39
C THR A 547 6.15 6.79 13.37
N PHE A 548 6.98 7.55 12.69
CA PHE A 548 8.26 7.06 12.21
C PHE A 548 9.23 6.81 13.35
N ILE A 549 9.00 7.45 14.48
CA ILE A 549 9.80 7.18 15.65
C ILE A 549 9.18 6.08 16.48
N THR A 550 7.85 6.00 16.49
CA THR A 550 7.20 4.90 17.16
C THR A 550 7.40 3.60 16.38
N LEU A 551 7.67 3.72 15.09
CA LEU A 551 7.74 2.53 14.24
C LEU A 551 9.13 1.96 14.19
N ILE A 552 10.06 2.53 14.93
CA ILE A 552 11.36 1.89 15.06
C ILE A 552 11.32 0.74 16.05
N PRO A 553 10.67 0.83 17.22
CA PRO A 553 10.51 -0.42 17.99
C PRO A 553 9.39 -1.28 17.47
N SER A 554 8.49 -0.72 16.67
CA SER A 554 7.33 -1.48 16.24
C SER A 554 7.68 -2.43 15.11
N LEU A 555 8.80 -2.20 14.44
CA LEU A 555 9.25 -3.11 13.43
C LEU A 555 10.63 -3.68 13.70
N MET A 556 10.93 -3.98 14.93
CA MET A 556 11.93 -5.01 15.17
C MET A 556 11.40 -6.43 15.01
N PRO A 557 10.18 -6.80 15.40
CA PRO A 557 9.74 -8.14 15.04
C PRO A 557 9.53 -8.34 13.56
N TYR A 558 8.77 -7.48 12.90
CA TYR A 558 8.34 -7.86 11.56
C TYR A 558 9.44 -7.64 10.55
N LEU A 559 10.48 -6.90 10.93
CA LEU A 559 11.70 -6.88 10.15
C LEU A 559 12.74 -7.81 10.73
N GLY A 560 12.48 -8.35 11.91
CA GLY A 560 13.34 -9.41 12.38
C GLY A 560 13.08 -10.69 11.64
N THR A 561 11.81 -10.99 11.37
CA THR A 561 11.43 -12.23 10.72
C THR A 561 11.96 -12.27 9.31
N ILE A 562 11.87 -11.15 8.62
CA ILE A 562 12.42 -11.01 7.28
C ILE A 562 13.93 -11.20 7.30
N PHE A 563 14.61 -10.77 8.35
CA PHE A 563 16.03 -11.08 8.43
C PHE A 563 16.24 -12.56 8.64
N CYS A 564 15.29 -13.23 9.29
CA CYS A 564 15.46 -14.66 9.51
C CYS A 564 15.21 -15.45 8.25
N VAL A 565 14.24 -15.01 7.44
CA VAL A 565 13.91 -15.70 6.20
C VAL A 565 15.09 -15.63 5.24
N LEU A 566 15.87 -14.55 5.31
CA LEU A 566 17.06 -14.49 4.48
C LEU A 566 18.12 -15.45 4.98
N CYS A 567 18.19 -15.63 6.29
CA CYS A 567 19.21 -16.51 6.84
C CYS A 567 18.86 -17.97 6.58
N ILE A 568 17.62 -18.22 6.20
CA ILE A 568 17.25 -19.52 5.65
C ILE A 568 17.61 -19.60 4.19
N TYR A 569 17.26 -18.55 3.44
CA TYR A 569 17.45 -18.59 2.00
C TYR A 569 18.89 -18.46 1.61
N CYS A 570 19.69 -17.79 2.42
CA CYS A 570 21.10 -17.76 2.11
C CYS A 570 21.71 -19.13 2.33
N SER A 571 21.36 -19.78 3.43
CA SER A 571 21.96 -21.06 3.77
C SER A 571 21.56 -22.13 2.80
N ILE A 572 20.42 -21.98 2.14
CA ILE A 572 20.12 -22.82 1.00
C ILE A 572 21.03 -22.46 -0.16
N GLY A 573 21.22 -21.17 -0.41
CA GLY A 573 22.02 -20.76 -1.54
C GLY A 573 23.49 -21.07 -1.35
N VAL A 574 23.94 -21.14 -0.10
CA VAL A 574 25.29 -21.64 0.16
C VAL A 574 25.41 -23.10 -0.22
N GLN A 575 24.41 -23.89 0.16
CA GLN A 575 24.50 -25.31 -0.08
C GLN A 575 24.16 -25.64 -1.52
N VAL A 576 23.12 -25.02 -2.06
CA VAL A 576 22.68 -25.35 -3.40
C VAL A 576 23.55 -24.68 -4.45
N PHE A 577 23.73 -23.37 -4.34
CA PHE A 577 24.40 -22.56 -5.35
C PHE A 577 25.81 -22.16 -4.96
N GLY A 578 26.57 -23.03 -4.32
CA GLY A 578 27.76 -22.58 -3.61
C GLY A 578 28.91 -22.17 -4.51
N GLY A 579 29.56 -23.13 -5.15
CA GLY A 579 30.85 -22.83 -5.74
C GLY A 579 30.86 -22.57 -7.21
N LEU A 580 29.79 -22.03 -7.79
CA LEU A 580 29.67 -22.02 -9.24
C LEU A 580 30.40 -20.85 -9.85
N VAL A 581 30.29 -19.68 -9.24
CA VAL A 581 30.85 -18.47 -9.80
C VAL A 581 32.34 -18.49 -9.51
N ASN A 582 33.10 -19.08 -10.42
CA ASN A 582 34.51 -19.27 -10.16
C ASN A 582 35.30 -18.08 -10.64
N ALA A 583 36.58 -18.08 -10.30
CA ALA A 583 37.52 -17.34 -11.12
C ALA A 583 37.49 -17.88 -12.54
N GLY A 584 37.65 -19.18 -12.69
CA GLY A 584 37.92 -19.74 -14.00
C GLY A 584 36.73 -20.42 -14.65
N ASN A 585 35.52 -19.95 -14.35
CA ASN A 585 34.38 -20.49 -15.07
C ASN A 585 34.25 -19.76 -16.40
N LYS A 586 33.98 -20.53 -17.44
CA LYS A 586 33.89 -19.96 -18.78
C LYS A 586 32.45 -19.85 -19.21
N LYS A 587 31.53 -20.46 -18.46
CA LYS A 587 30.12 -20.21 -18.69
C LYS A 587 29.65 -18.96 -17.97
N LEU A 588 30.53 -18.33 -17.20
CA LEU A 588 30.12 -17.18 -16.41
C LEU A 588 30.14 -15.91 -17.25
N PHE A 589 31.22 -15.69 -18.00
CA PHE A 589 31.52 -14.34 -18.46
C PHE A 589 30.59 -13.89 -19.58
N GLU A 590 29.77 -14.77 -20.11
CA GLU A 590 28.80 -14.34 -21.09
C GLU A 590 27.45 -14.05 -20.45
N THR A 591 27.37 -14.16 -19.14
CA THR A 591 26.10 -13.94 -18.46
C THR A 591 26.05 -12.55 -17.85
N GLU A 592 24.85 -12.20 -17.39
CA GLU A 592 24.55 -10.82 -17.02
C GLU A 592 25.27 -10.40 -15.76
N LEU A 593 25.73 -11.35 -14.95
CA LEU A 593 26.55 -10.96 -13.81
C LEU A 593 27.89 -10.44 -14.27
N ALA A 594 28.35 -10.82 -15.45
CA ALA A 594 29.64 -10.33 -15.91
C ALA A 594 29.49 -9.02 -16.65
N GLU A 595 28.45 -8.90 -17.47
CA GLU A 595 28.25 -7.67 -18.22
C GLU A 595 27.91 -6.52 -17.31
N ASP A 596 27.01 -6.74 -16.37
CA ASP A 596 26.65 -5.72 -15.41
C ASP A 596 27.60 -5.68 -14.23
N ASP A 597 28.60 -6.56 -14.22
CA ASP A 597 29.62 -6.63 -13.19
C ASP A 597 29.07 -6.78 -11.79
N TYR A 598 28.02 -7.57 -11.62
CA TYR A 598 27.60 -7.85 -10.26
C TYR A 598 28.27 -9.12 -9.79
N LEU A 599 29.59 -9.26 -9.92
CA LEU A 599 30.19 -10.53 -9.59
C LEU A 599 30.32 -10.69 -8.08
N LEU A 600 30.35 -9.58 -7.37
CA LEU A 600 30.47 -9.68 -5.93
C LEU A 600 29.14 -10.02 -5.28
N PHE A 601 28.05 -9.96 -6.04
CA PHE A 601 26.73 -10.27 -5.52
C PHE A 601 26.47 -11.73 -5.84
N ASN A 602 26.96 -12.55 -4.93
CA ASN A 602 27.43 -13.86 -5.27
C ASN A 602 27.06 -14.77 -4.12
N PHE A 603 26.77 -16.01 -4.44
CA PHE A 603 26.43 -16.96 -3.40
C PHE A 603 27.61 -17.78 -2.94
N ASN A 604 28.83 -17.37 -3.23
CA ASN A 604 29.94 -18.27 -3.02
C ASN A 604 30.27 -18.43 -1.54
N ASP A 605 29.82 -17.53 -0.72
CA ASP A 605 29.99 -17.67 0.73
C ASP A 605 28.67 -17.52 1.42
N TYR A 606 28.74 -17.40 2.74
CA TYR A 606 27.53 -16.97 3.43
C TYR A 606 27.29 -15.47 3.38
N PRO A 607 28.21 -14.56 3.72
CA PRO A 607 27.76 -13.17 3.83
C PRO A 607 27.57 -12.50 2.50
N ASN A 608 28.25 -12.97 1.45
CA ASN A 608 27.99 -12.46 0.12
C ASN A 608 26.63 -12.86 -0.36
N GLY A 609 26.20 -14.05 0.02
CA GLY A 609 24.86 -14.45 -0.29
C GLY A 609 23.85 -13.73 0.57
N MET A 610 24.30 -13.20 1.70
CA MET A 610 23.40 -12.46 2.56
C MET A 610 23.06 -11.10 1.99
N VAL A 611 24.04 -10.45 1.35
CA VAL A 611 23.76 -9.22 0.64
C VAL A 611 22.98 -9.51 -0.63
N THR A 612 23.30 -10.61 -1.28
CA THR A 612 22.70 -10.88 -2.58
C THR A 612 21.23 -11.19 -2.44
N LEU A 613 20.81 -11.65 -1.26
CA LEU A 613 19.39 -11.72 -1.00
C LEU A 613 18.78 -10.36 -0.84
N PHE A 614 19.55 -9.38 -0.40
CA PHE A 614 18.93 -8.11 -0.11
C PHE A 614 18.46 -7.41 -1.36
N ASN A 615 19.22 -7.51 -2.45
CA ASN A 615 18.78 -6.85 -3.66
C ASN A 615 17.58 -7.56 -4.23
N LEU A 616 17.50 -8.87 -4.01
CA LEU A 616 16.34 -9.65 -4.40
C LEU A 616 15.14 -9.28 -3.54
N LEU A 617 15.40 -8.76 -2.35
CA LEU A 617 14.34 -8.31 -1.47
C LEU A 617 13.85 -6.93 -1.86
N VAL A 618 14.72 -6.15 -2.50
CA VAL A 618 14.39 -4.78 -2.85
C VAL A 618 13.66 -4.69 -4.18
N MET A 619 13.95 -5.65 -5.07
CA MET A 619 13.59 -5.73 -6.51
C MET A 619 14.37 -4.71 -7.34
N GLY A 620 15.65 -4.56 -7.05
CA GLY A 620 16.48 -3.78 -7.93
C GLY A 620 17.28 -4.68 -8.84
N ASN A 621 16.84 -4.84 -10.08
CA ASN A 621 17.45 -5.70 -11.09
C ASN A 621 17.59 -7.14 -10.64
N TRP A 622 16.56 -7.70 -10.03
CA TRP A 622 16.69 -9.00 -9.43
C TRP A 622 16.66 -10.12 -10.44
N GLN A 623 16.41 -9.81 -11.71
CA GLN A 623 16.39 -10.88 -12.69
C GLN A 623 17.78 -11.14 -13.23
N VAL A 624 18.77 -10.35 -12.84
CA VAL A 624 20.15 -10.64 -13.24
C VAL A 624 20.60 -11.94 -12.64
N TRP A 625 20.24 -12.17 -11.39
CA TRP A 625 20.64 -13.40 -10.74
C TRP A 625 19.83 -14.58 -11.26
N MET A 626 18.53 -14.38 -11.47
CA MET A 626 17.66 -15.47 -11.90
C MET A 626 18.01 -15.95 -13.30
N GLU A 627 18.43 -15.04 -14.17
CA GLU A 627 18.88 -15.48 -15.49
C GLU A 627 20.32 -15.92 -15.46
N SER A 628 21.04 -15.66 -14.38
CA SER A 628 22.38 -16.21 -14.30
C SER A 628 22.34 -17.66 -13.91
N TYR A 629 21.59 -17.96 -12.87
CA TYR A 629 21.71 -19.28 -12.28
C TYR A 629 20.93 -20.30 -13.08
N LYS A 630 20.03 -19.85 -13.94
CA LYS A 630 19.46 -20.73 -14.94
C LYS A 630 20.52 -21.10 -15.97
N ASP A 631 21.57 -20.30 -16.08
CA ASP A 631 22.68 -20.69 -16.95
C ASP A 631 23.81 -21.32 -16.16
N LEU A 632 23.97 -20.95 -14.90
CA LEU A 632 25.11 -21.49 -14.17
C LEU A 632 24.86 -22.90 -13.71
N THR A 633 23.80 -23.13 -12.95
CA THR A 633 23.42 -24.51 -12.67
C THR A 633 22.92 -25.19 -13.93
N GLY A 634 22.48 -24.42 -14.90
CA GLY A 634 22.29 -24.95 -16.21
C GLY A 634 20.95 -25.57 -16.47
N THR A 635 20.15 -25.80 -15.43
CA THR A 635 18.82 -26.31 -15.64
C THR A 635 17.82 -25.49 -14.85
N TRP A 636 16.58 -25.62 -15.25
CA TRP A 636 15.56 -24.67 -14.87
C TRP A 636 14.98 -24.89 -13.51
N TRP A 637 15.58 -25.74 -12.67
CA TRP A 637 15.03 -25.88 -11.33
C TRP A 637 15.59 -24.82 -10.41
N SER A 638 16.58 -24.08 -10.88
CA SER A 638 17.11 -22.98 -10.10
C SER A 638 16.15 -21.79 -10.11
N ILE A 639 15.28 -21.74 -11.11
CA ILE A 639 14.27 -20.69 -11.23
C ILE A 639 13.36 -20.72 -10.03
N THR A 640 13.05 -21.93 -9.56
CA THR A 640 12.11 -22.09 -8.46
C THR A 640 12.74 -21.69 -7.13
N TYR A 641 14.05 -21.41 -7.10
CA TYR A 641 14.58 -20.73 -5.94
C TYR A 641 14.01 -19.33 -5.82
N PHE A 642 14.14 -18.53 -6.86
CA PHE A 642 13.90 -17.10 -6.73
C PHE A 642 12.42 -16.77 -6.75
N VAL A 643 11.60 -17.60 -7.38
CA VAL A 643 10.17 -17.39 -7.25
C VAL A 643 9.72 -17.75 -5.86
N SER A 644 10.33 -18.76 -5.25
CA SER A 644 10.02 -19.08 -3.87
C SER A 644 10.47 -17.99 -2.95
N PHE A 645 11.45 -17.21 -3.38
CA PHE A 645 11.75 -16.02 -2.62
C PHE A 645 10.62 -15.02 -2.76
N TYR A 646 10.14 -14.81 -3.98
CA TYR A 646 9.22 -13.70 -4.26
C TYR A 646 7.89 -13.91 -3.57
N VAL A 647 7.34 -15.11 -3.69
CA VAL A 647 6.06 -15.45 -3.09
C VAL A 647 6.11 -15.34 -1.58
N ILE A 648 7.27 -15.60 -0.99
CA ILE A 648 7.39 -15.53 0.45
C ILE A 648 7.84 -14.15 0.89
N THR A 649 8.64 -13.47 0.09
CA THR A 649 9.01 -12.11 0.43
C THR A 649 7.85 -11.15 0.25
N ILE A 650 7.07 -11.31 -0.81
CA ILE A 650 5.99 -10.37 -1.07
C ILE A 650 4.68 -10.90 -0.49
N LEU A 651 4.78 -11.82 0.47
CA LEU A 651 3.94 -11.74 1.63
C LEU A 651 4.54 -10.81 2.66
N LEU A 652 5.74 -11.12 3.13
CA LEU A 652 6.34 -10.49 4.30
C LEU A 652 6.67 -9.02 4.06
N LEU A 653 6.83 -8.61 2.81
CA LEU A 653 6.91 -7.18 2.57
C LEU A 653 5.55 -6.54 2.56
N LEU A 654 4.61 -7.12 1.82
CA LEU A 654 3.29 -6.54 1.79
C LEU A 654 2.58 -6.74 3.11
N ASN A 655 2.89 -7.81 3.83
CA ASN A 655 2.31 -7.89 5.16
C ASN A 655 3.05 -7.02 6.12
N LEU A 656 4.22 -7.48 6.49
CA LEU A 656 4.75 -7.21 7.80
C LEU A 656 5.39 -5.85 7.83
N VAL A 657 5.93 -5.41 6.71
CA VAL A 657 6.34 -4.03 6.64
C VAL A 657 5.16 -3.18 6.26
N VAL A 658 4.67 -3.32 5.03
CA VAL A 658 3.87 -2.27 4.41
C VAL A 658 2.52 -2.15 5.07
N ALA A 659 1.86 -3.27 5.33
CA ALA A 659 0.51 -3.18 5.84
C ALA A 659 0.50 -2.76 7.30
N PHE A 660 1.62 -2.93 7.99
CA PHE A 660 1.61 -2.61 9.40
C PHE A 660 1.75 -1.12 9.61
N VAL A 661 2.46 -0.45 8.71
CA VAL A 661 2.63 0.98 8.84
C VAL A 661 1.30 1.69 8.61
N LEU A 662 0.49 1.17 7.68
CA LEU A 662 -0.77 1.83 7.38
C LEU A 662 -1.79 1.58 8.49
N GLU A 663 -1.53 0.59 9.33
CA GLU A 663 -2.26 0.51 10.57
C GLU A 663 -1.72 1.51 11.57
N ALA A 664 -0.42 1.49 11.80
CA ALA A 664 0.12 2.16 12.97
C ALA A 664 0.23 3.64 12.75
N PHE A 665 0.22 4.08 11.49
CA PHE A 665 0.06 5.51 11.22
C PHE A 665 -1.31 5.98 11.65
N PHE A 666 -2.32 5.11 11.55
CA PHE A 666 -3.66 5.50 11.96
C PHE A 666 -3.78 5.51 13.46
N THR A 667 -2.96 4.73 14.14
CA THR A 667 -2.94 4.80 15.59
C THR A 667 -2.32 6.10 16.06
N GLU A 668 -1.30 6.59 15.36
CA GLU A 668 -0.76 7.90 15.69
C GLU A 668 -1.75 8.98 15.35
N LEU A 669 -2.52 8.76 14.30
CA LEU A 669 -3.31 9.84 13.73
C LEU A 669 -4.52 10.15 14.58
N ASP A 670 -5.27 9.11 14.98
CA ASP A 670 -6.46 9.38 15.77
C ASP A 670 -6.10 9.75 17.21
N LEU A 671 -5.01 9.17 17.74
CA LEU A 671 -4.53 9.58 19.06
C LEU A 671 -3.91 10.97 19.03
N GLU A 672 -3.65 11.49 17.84
CA GLU A 672 -3.38 12.92 17.70
C GLU A 672 -4.68 13.70 17.62
N GLU A 673 -5.65 13.18 16.88
CA GLU A 673 -6.94 13.85 16.78
C GLU A 673 -7.70 13.76 18.09
N GLU A 674 -7.78 12.56 18.68
CA GLU A 674 -8.58 12.38 19.88
C GLU A 674 -7.78 12.76 21.13
N GLU A 675 -6.59 13.31 20.95
CA GLU A 675 -5.99 14.10 22.01
C GLU A 675 -6.54 15.52 21.98
N LYS A 676 -6.79 16.07 20.80
CA LYS A 676 -7.30 17.42 20.74
C LYS A 676 -8.82 17.43 20.75
N CYS A 677 -9.43 16.31 20.36
CA CYS A 677 -10.87 16.19 20.55
C CYS A 677 -11.22 16.12 22.04
N GLN A 678 -10.66 15.12 22.76
CA GLN A 678 -10.94 15.02 24.19
C GLN A 678 -10.04 15.93 25.01
N GLY A 679 -9.18 16.71 24.35
CA GLY A 679 -8.66 17.92 24.99
C GLY A 679 -9.72 19.01 25.02
N GLN A 680 -10.72 18.89 24.16
CA GLN A 680 -11.82 19.85 24.14
C GLN A 680 -13.10 19.23 24.71
N ASP A 681 -13.26 17.91 24.58
CA ASP A 681 -14.56 17.29 24.79
C ASP A 681 -14.85 17.11 26.28
N SER A 682 -14.04 16.31 26.96
CA SER A 682 -14.26 16.00 28.37
C SER A 682 -12.96 16.15 29.18
N GLU B 13 -44.00 5.67 -22.45
CA GLU B 13 -42.71 5.96 -21.83
C GLU B 13 -42.82 6.77 -20.55
N ALA B 14 -41.71 6.87 -19.83
CA ALA B 14 -41.58 7.75 -18.68
C ALA B 14 -40.45 8.76 -18.86
N ILE B 15 -39.89 8.87 -20.05
CA ILE B 15 -38.76 9.73 -20.29
C ILE B 15 -39.21 11.16 -20.36
N HIS B 17 -41.55 14.09 -20.21
CA HIS B 17 -42.74 14.38 -19.44
C HIS B 17 -42.55 15.65 -18.63
N GLY B 18 -41.54 16.42 -18.97
CA GLY B 18 -41.28 17.67 -18.28
C GLY B 18 -42.22 18.78 -18.75
N PRO B 20 -45.72 17.93 -19.24
CA PRO B 20 -46.79 17.88 -18.23
C PRO B 20 -46.31 18.30 -16.85
N PHE B 21 -45.65 17.37 -16.16
CA PHE B 21 -45.08 17.60 -14.83
C PHE B 21 -46.16 18.04 -13.85
N GLN B 22 -47.11 17.15 -13.56
CA GLN B 22 -48.20 17.46 -12.66
C GLN B 22 -47.75 17.49 -11.21
N LYS B 23 -48.73 17.60 -10.32
CA LYS B 23 -48.47 17.55 -8.88
C LYS B 23 -47.86 16.21 -8.50
N ALA B 24 -48.31 15.14 -9.13
CA ALA B 24 -47.80 13.83 -8.78
C ALA B 24 -46.93 13.24 -9.88
N ALA B 25 -46.95 13.84 -11.07
CA ALA B 25 -46.35 13.18 -12.22
C ALA B 25 -44.82 13.24 -12.18
N ALA B 26 -44.23 14.42 -12.37
CA ALA B 26 -42.77 14.51 -12.41
C ALA B 26 -42.20 14.58 -11.01
N LEU B 27 -43.05 14.69 -10.00
CA LEU B 27 -42.60 14.74 -8.62
C LEU B 27 -41.88 13.48 -8.20
N VAL B 28 -42.34 12.32 -8.67
CA VAL B 28 -41.63 11.09 -8.34
C VAL B 28 -40.32 11.01 -9.11
N ASP B 29 -40.24 11.69 -10.24
CA ASP B 29 -39.01 11.65 -11.00
C ASP B 29 -37.98 12.57 -10.37
N LEU B 30 -38.44 13.53 -9.57
CA LEU B 30 -37.53 14.22 -8.67
C LEU B 30 -36.99 13.26 -7.64
N ALA B 31 -37.85 12.38 -7.13
CA ALA B 31 -37.37 11.37 -6.20
C ALA B 31 -36.54 10.31 -6.90
N GLU B 32 -36.77 10.12 -8.20
CA GLU B 32 -35.89 9.25 -8.99
C GLU B 32 -34.50 9.84 -9.15
N ASP B 33 -34.38 11.17 -9.18
CA ASP B 33 -33.08 11.76 -9.40
C ASP B 33 -32.20 11.72 -8.15
N GLY B 34 -32.73 11.20 -7.04
CA GLY B 34 -31.85 10.85 -5.95
C GLY B 34 -31.31 9.44 -6.07
N ILE B 35 -31.98 8.61 -6.88
CA ILE B 35 -31.71 7.18 -6.87
C ILE B 35 -30.40 6.88 -7.60
N GLY B 36 -30.31 7.22 -8.89
CA GLY B 36 -29.03 7.11 -9.57
C GLY B 36 -28.15 8.32 -9.34
N LEU B 37 -28.63 9.26 -8.54
CA LEU B 37 -28.15 10.63 -8.38
C LEU B 37 -27.76 11.32 -9.68
N PRO B 38 -28.67 11.55 -10.64
CA PRO B 38 -28.33 12.47 -11.72
C PRO B 38 -28.32 13.89 -11.21
N VAL B 39 -27.69 14.78 -11.98
CA VAL B 39 -27.62 16.16 -11.57
C VAL B 39 -28.73 16.96 -12.24
N GLU B 40 -29.39 17.79 -11.45
CA GLU B 40 -30.08 18.97 -11.94
C GLU B 40 -29.32 20.14 -11.38
N ILE B 41 -29.15 21.20 -12.19
CA ILE B 41 -28.47 22.38 -11.71
C ILE B 41 -29.34 23.05 -10.66
N LEU B 42 -28.69 23.73 -9.70
CA LEU B 42 -29.41 24.29 -8.56
C LEU B 42 -30.38 25.37 -8.99
N ASP B 43 -30.06 26.08 -10.07
CA ASP B 43 -30.96 27.08 -10.63
C ASP B 43 -32.20 26.41 -11.22
N GLN B 44 -32.03 25.22 -11.81
CA GLN B 44 -33.17 24.46 -12.29
C GLN B 44 -34.00 23.94 -11.13
N SER B 45 -33.40 23.86 -9.94
CA SER B 45 -34.18 23.57 -8.74
C SER B 45 -34.70 24.85 -8.10
N SER B 46 -34.17 26.01 -8.52
CA SER B 46 -34.48 27.24 -7.81
C SER B 46 -35.84 27.80 -8.23
N PHE B 47 -36.37 27.35 -9.35
CA PHE B 47 -37.45 28.08 -10.00
C PHE B 47 -38.79 27.79 -9.33
N GLY B 48 -39.70 28.76 -9.41
CA GLY B 48 -41.02 28.59 -8.83
C GLY B 48 -41.85 27.58 -9.62
N GLU B 49 -41.66 27.54 -10.93
CA GLU B 49 -42.24 26.45 -11.70
C GLU B 49 -41.33 25.22 -11.67
N SER B 50 -40.02 25.44 -11.79
CA SER B 50 -38.95 24.44 -11.87
C SER B 50 -39.12 23.46 -13.01
N ALA B 51 -39.98 23.77 -13.98
CA ALA B 51 -40.18 22.96 -15.18
C ALA B 51 -40.40 23.84 -16.41
N ARG B 52 -39.72 24.97 -16.48
CA ARG B 52 -39.97 25.98 -17.50
C ARG B 52 -39.47 25.53 -18.87
N TYR B 53 -39.50 26.48 -19.81
CA TYR B 53 -38.99 26.22 -21.16
C TYR B 53 -37.48 26.00 -21.14
N TYR B 54 -36.80 26.51 -20.12
CA TYR B 54 -35.38 26.24 -19.92
C TYR B 54 -35.14 24.75 -19.68
N PHE B 55 -36.01 24.12 -18.89
CA PHE B 55 -35.75 22.74 -18.50
C PHE B 55 -36.09 21.77 -19.62
N ILE B 56 -36.87 22.22 -20.61
CA ILE B 56 -37.07 21.43 -21.82
C ILE B 56 -35.75 21.26 -22.55
N PHE B 57 -34.90 22.27 -22.48
CA PHE B 57 -33.60 22.17 -23.13
C PHE B 57 -32.61 21.39 -22.28
N THR B 58 -32.83 21.33 -20.96
CA THR B 58 -31.92 20.60 -20.09
C THR B 58 -31.98 19.11 -20.34
N ARG B 59 -33.18 18.57 -20.53
CA ARG B 59 -33.30 17.16 -20.87
C ARG B 59 -32.96 16.91 -22.33
N LEU B 60 -32.82 17.97 -23.13
CA LEU B 60 -32.28 17.81 -24.47
C LEU B 60 -30.78 17.52 -24.41
N ASP B 61 -30.14 17.90 -23.31
CA ASP B 61 -28.70 17.63 -23.17
C ASP B 61 -28.46 16.17 -22.84
N LEU B 62 -29.11 15.67 -21.78
CA LEU B 62 -28.75 14.37 -21.23
C LEU B 62 -29.20 13.23 -22.13
N ILE B 63 -30.09 13.50 -23.09
CA ILE B 63 -30.34 12.53 -24.14
C ILE B 63 -29.24 12.63 -25.20
N TRP B 64 -28.84 13.85 -25.55
CA TRP B 64 -27.83 14.04 -26.56
C TRP B 64 -26.42 14.05 -25.99
N SER B 65 -26.20 13.41 -24.84
CA SER B 65 -24.89 13.51 -24.19
C SER B 65 -23.83 12.70 -24.89
N LEU B 66 -24.19 11.52 -25.40
CA LEU B 66 -23.17 10.64 -25.96
C LEU B 66 -22.74 11.12 -27.34
N ASN B 67 -23.40 12.16 -27.84
CA ASN B 67 -22.83 12.90 -28.96
C ASN B 67 -21.55 13.60 -28.56
N TYR B 68 -21.38 13.90 -27.27
CA TYR B 68 -20.23 14.70 -26.88
C TYR B 68 -19.00 13.82 -26.73
N PHE B 69 -19.19 12.53 -26.58
CA PHE B 69 -18.00 11.70 -26.39
C PHE B 69 -17.44 11.29 -27.73
N ALA B 70 -18.23 11.49 -28.78
CA ALA B 70 -17.65 11.60 -30.11
C ALA B 70 -17.16 13.01 -30.39
N LEU B 71 -17.09 13.84 -29.34
CA LEU B 71 -16.28 15.04 -29.41
C LEU B 71 -15.14 14.97 -28.41
N LEU B 72 -15.47 14.62 -27.16
CA LEU B 72 -14.49 14.74 -26.07
C LEU B 72 -13.35 13.77 -26.26
N PHE B 73 -13.68 12.53 -26.60
CA PHE B 73 -12.61 11.61 -26.97
C PHE B 73 -12.06 11.96 -28.34
N LEU B 74 -12.89 12.57 -29.19
CA LEU B 74 -12.44 12.91 -30.53
C LEU B 74 -11.40 14.01 -30.46
N ASN B 75 -11.60 14.97 -29.57
CA ASN B 75 -10.67 16.07 -29.44
C ASN B 75 -9.40 15.61 -28.76
N PHE B 76 -9.54 14.66 -27.87
CA PHE B 76 -8.46 14.32 -26.97
C PHE B 76 -7.49 13.37 -27.62
N PHE B 77 -7.95 12.65 -28.62
CA PHE B 77 -7.15 11.66 -29.31
C PHE B 77 -6.68 12.19 -30.64
N GLU B 78 -6.96 13.46 -30.87
CA GLU B 78 -6.41 14.13 -32.04
C GLU B 78 -4.91 14.25 -31.91
N GLN B 79 -4.45 14.47 -30.69
CA GLN B 79 -3.05 14.83 -30.47
C GLN B 79 -2.00 13.80 -30.89
N PRO B 80 -2.24 12.47 -30.86
CA PRO B 80 -1.23 11.61 -31.50
C PRO B 80 -1.19 11.75 -33.00
N LEU B 81 -2.28 12.18 -33.62
CA LEU B 81 -2.32 12.22 -35.07
C LEU B 81 -1.61 13.44 -35.63
N TRP B 82 -1.09 14.31 -34.77
CA TRP B 82 -0.48 15.55 -35.22
C TRP B 82 1.02 15.46 -35.33
N CYS B 83 1.60 16.54 -35.84
CA CYS B 83 2.96 16.47 -36.33
C CYS B 83 3.94 16.56 -35.18
N GLU B 84 5.20 16.32 -35.48
CA GLU B 84 6.21 16.79 -34.56
C GLU B 84 6.17 18.31 -34.58
N LYS B 85 6.58 18.94 -33.48
CA LYS B 85 6.73 20.38 -33.47
C LYS B 85 7.72 20.82 -34.51
N ASN B 86 8.89 20.21 -34.53
CA ASN B 86 9.96 20.64 -35.43
C ASN B 86 10.36 19.57 -36.42
N PRO B 87 9.61 19.41 -37.50
CA PRO B 87 10.24 18.87 -38.70
C PRO B 87 10.69 19.96 -39.67
N LYS B 88 10.19 21.18 -39.49
CA LYS B 88 10.41 22.22 -40.49
C LYS B 88 11.81 22.81 -40.47
N PRO B 89 12.48 23.03 -39.33
CA PRO B 89 13.93 23.34 -39.43
C PRO B 89 14.79 22.16 -39.88
N SER B 90 14.26 20.96 -39.85
CA SER B 90 15.08 19.77 -39.92
C SER B 90 15.60 19.50 -41.32
N CYS B 91 16.69 18.74 -41.39
CA CYS B 91 17.04 18.00 -42.59
C CYS B 91 16.72 16.52 -42.39
N LYS B 92 16.58 15.82 -43.50
CA LYS B 92 16.11 14.43 -43.55
C LYS B 92 14.75 14.29 -42.88
N ASP B 93 13.74 14.90 -43.48
CA ASP B 93 12.39 14.89 -42.92
C ASP B 93 11.77 13.50 -42.94
N ARG B 94 11.50 12.97 -44.14
CA ARG B 94 10.50 11.91 -44.28
C ARG B 94 11.08 10.54 -43.93
N ASP B 95 12.38 10.49 -43.65
CA ASP B 95 12.95 9.36 -42.94
C ASP B 95 12.22 9.20 -41.62
N TYR B 96 11.57 8.06 -41.44
CA TYR B 96 11.16 7.62 -40.13
C TYR B 96 12.38 7.04 -39.45
N TYR B 97 13.18 7.92 -38.88
CA TYR B 97 14.26 7.55 -37.99
C TYR B 97 13.64 7.55 -36.59
N TYR B 98 13.28 6.37 -36.13
CA TYR B 98 12.71 6.06 -34.82
C TYR B 98 11.36 6.68 -34.59
N LEU B 99 10.68 7.17 -35.62
CA LEU B 99 9.41 7.84 -35.38
C LEU B 99 8.29 6.84 -35.22
N GLY B 100 7.07 7.37 -35.23
CA GLY B 100 5.90 6.56 -34.92
C GLY B 100 5.39 5.82 -36.14
N GLU B 101 4.08 5.53 -36.12
CA GLU B 101 3.52 4.80 -37.24
C GLU B 101 2.24 5.45 -37.76
N LEU B 102 1.56 6.21 -36.93
CA LEU B 102 0.38 6.89 -37.39
C LEU B 102 0.77 8.04 -38.33
N PRO B 103 0.04 8.26 -39.41
CA PRO B 103 0.38 9.34 -40.33
C PRO B 103 -0.01 10.67 -39.69
N TYR B 104 0.85 11.66 -39.84
CA TYR B 104 0.57 12.95 -39.24
C TYR B 104 -0.37 13.69 -40.15
N LEU B 105 -1.42 14.26 -39.59
CA LEU B 105 -2.41 14.90 -40.43
C LEU B 105 -1.89 16.23 -40.96
N THR B 106 -1.86 16.34 -42.28
CA THR B 106 -1.34 17.53 -42.93
C THR B 106 -2.35 18.67 -42.85
N ASN B 107 -1.92 19.84 -43.32
CA ASN B 107 -2.67 21.07 -43.09
C ASN B 107 -4.00 21.08 -43.83
N ALA B 108 -4.12 20.26 -44.86
CA ALA B 108 -5.44 19.96 -45.39
C ALA B 108 -6.28 19.24 -44.34
N GLU B 109 -5.77 18.12 -43.83
CA GLU B 109 -6.55 17.32 -42.89
C GLU B 109 -6.49 17.88 -41.49
N SER B 110 -5.63 18.88 -41.26
CA SER B 110 -5.54 19.49 -39.95
C SER B 110 -6.81 20.26 -39.61
N ILE B 111 -7.22 21.14 -40.52
CA ILE B 111 -8.25 22.11 -40.19
C ILE B 111 -9.63 21.47 -40.30
N ILE B 112 -9.77 20.48 -41.19
CA ILE B 112 -11.07 19.86 -41.43
C ILE B 112 -11.51 19.08 -40.21
N TYR B 113 -10.56 18.56 -39.45
CA TYR B 113 -10.89 17.82 -38.25
C TYR B 113 -11.30 18.75 -37.13
N GLU B 114 -11.03 20.04 -37.29
CA GLU B 114 -11.17 20.96 -36.15
C GLU B 114 -12.45 21.78 -36.24
N VAL B 115 -12.99 21.93 -37.44
CA VAL B 115 -14.28 22.59 -37.57
C VAL B 115 -15.38 21.69 -37.01
N ILE B 116 -15.21 20.39 -37.18
CA ILE B 116 -16.05 19.43 -36.47
C ILE B 116 -15.90 19.63 -34.98
N THR B 117 -14.67 19.88 -34.55
CA THR B 117 -14.37 19.88 -33.14
C THR B 117 -14.86 21.16 -32.47
N LEU B 118 -14.61 22.31 -33.11
CA LEU B 118 -15.05 23.55 -32.49
C LEU B 118 -16.54 23.81 -32.72
N ALA B 119 -17.19 23.02 -33.55
CA ALA B 119 -18.64 23.08 -33.55
C ALA B 119 -19.19 22.56 -32.24
N ILE B 120 -18.87 21.31 -31.92
CA ILE B 120 -19.58 20.58 -30.88
C ILE B 120 -19.10 21.02 -29.50
N LEU B 121 -17.96 21.69 -29.44
CA LEU B 121 -17.64 22.43 -28.22
C LEU B 121 -18.63 23.56 -27.99
N LEU B 122 -18.83 24.40 -29.01
CA LEU B 122 -19.62 25.61 -28.82
C LEU B 122 -21.07 25.28 -28.58
N VAL B 123 -21.54 24.17 -29.13
CA VAL B 123 -22.87 23.70 -28.78
C VAL B 123 -22.89 23.26 -27.32
N HIS B 124 -21.85 22.55 -26.89
CA HIS B 124 -21.79 22.05 -25.52
C HIS B 124 -21.49 23.16 -24.53
N THR B 125 -20.59 24.08 -24.88
CA THR B 125 -20.18 25.06 -23.90
C THR B 125 -21.22 26.15 -23.73
N PHE B 126 -21.78 26.64 -24.83
CA PHE B 126 -22.86 27.61 -24.74
C PHE B 126 -24.22 26.97 -24.68
N PHE B 127 -24.28 25.74 -24.21
CA PHE B 127 -25.56 25.13 -23.90
C PHE B 127 -26.30 25.76 -22.72
N PRO B 128 -25.73 25.93 -21.52
CA PRO B 128 -26.60 26.14 -20.36
C PRO B 128 -27.15 27.55 -20.23
N ILE B 129 -26.79 28.44 -21.15
CA ILE B 129 -27.51 29.71 -21.29
C ILE B 129 -28.99 29.43 -21.60
N SER B 130 -29.26 28.30 -22.27
CA SER B 130 -30.63 27.82 -22.43
C SER B 130 -31.32 27.56 -21.08
N TYR B 131 -30.57 27.24 -20.03
CA TYR B 131 -31.18 27.07 -18.72
C TYR B 131 -30.48 27.81 -17.60
N GLU B 132 -29.68 28.81 -17.90
CA GLU B 132 -29.17 29.68 -16.85
C GLU B 132 -29.33 31.12 -17.30
N GLY B 133 -29.34 32.01 -16.31
CA GLY B 133 -29.23 33.42 -16.62
C GLY B 133 -27.83 33.75 -17.10
N SER B 134 -27.72 34.82 -17.89
CA SER B 134 -26.43 35.26 -18.38
C SER B 134 -25.54 35.72 -17.24
N ARG B 135 -26.14 36.25 -16.17
CA ARG B 135 -25.36 36.63 -15.00
C ARG B 135 -25.03 35.43 -14.13
N ILE B 136 -25.46 34.23 -14.54
CA ILE B 136 -25.16 33.03 -13.78
C ILE B 136 -24.15 32.18 -14.51
N PHE B 137 -24.37 32.03 -15.83
CA PHE B 137 -23.43 31.42 -16.75
C PHE B 137 -22.09 32.10 -16.71
N TRP B 138 -22.08 33.42 -16.76
CA TRP B 138 -20.82 34.12 -16.87
C TRP B 138 -20.24 34.44 -15.51
N THR B 139 -20.95 34.09 -14.45
CA THR B 139 -20.38 34.26 -13.12
C THR B 139 -19.67 32.98 -12.69
N SER B 140 -20.20 31.83 -13.08
CA SER B 140 -19.67 30.50 -12.74
C SER B 140 -18.21 30.32 -13.15
N ARG B 141 -17.30 30.23 -12.17
CA ARG B 141 -15.89 30.18 -12.52
C ARG B 141 -15.51 28.84 -13.10
N LEU B 142 -16.30 27.81 -12.80
CA LEU B 142 -16.14 26.53 -13.48
C LEU B 142 -16.52 26.65 -14.95
N ASN B 143 -17.47 27.54 -15.25
CA ASN B 143 -17.80 27.82 -16.64
C ASN B 143 -16.79 28.77 -17.26
N LEU B 144 -16.25 29.69 -16.46
CA LEU B 144 -15.36 30.71 -16.98
C LEU B 144 -14.11 30.11 -17.59
N VAL B 145 -13.60 29.04 -16.98
CA VAL B 145 -12.36 28.47 -17.48
C VAL B 145 -12.61 27.73 -18.78
N LYS B 146 -13.76 27.06 -18.88
CA LYS B 146 -14.02 26.27 -20.06
C LYS B 146 -14.29 27.15 -21.27
N VAL B 147 -14.93 28.30 -21.05
CA VAL B 147 -15.10 29.26 -22.15
C VAL B 147 -13.76 29.86 -22.53
N ALA B 148 -12.93 30.16 -21.52
CA ALA B 148 -11.61 30.69 -21.80
C ALA B 148 -10.73 29.66 -22.48
N CYS B 149 -10.97 28.38 -22.20
CA CYS B 149 -10.23 27.35 -22.91
C CYS B 149 -10.77 27.16 -24.32
N VAL B 150 -12.04 27.50 -24.56
CA VAL B 150 -12.56 27.44 -25.91
C VAL B 150 -11.88 28.46 -26.80
N VAL B 151 -11.83 29.70 -26.34
CA VAL B 151 -11.40 30.84 -27.15
C VAL B 151 -9.95 30.69 -27.56
N ILE B 152 -9.14 30.05 -26.72
CA ILE B 152 -7.77 29.75 -27.08
C ILE B 152 -7.74 28.80 -28.26
N LEU B 153 -8.59 27.78 -28.23
CA LEU B 153 -8.67 26.91 -29.40
C LEU B 153 -9.34 27.60 -30.56
N PHE B 154 -10.32 28.47 -30.26
CA PHE B 154 -11.01 29.21 -31.31
C PHE B 154 -10.06 30.18 -31.99
N VAL B 155 -9.14 30.76 -31.23
CA VAL B 155 -8.03 31.48 -31.83
C VAL B 155 -7.14 30.52 -32.59
N ASP B 156 -6.71 29.44 -31.95
CA ASP B 156 -5.58 28.67 -32.47
C ASP B 156 -5.98 27.90 -33.71
N VAL B 157 -7.27 27.69 -33.92
CA VAL B 157 -7.69 27.15 -35.21
C VAL B 157 -7.50 28.20 -36.29
N LEU B 158 -7.92 29.43 -35.98
CA LEU B 158 -8.01 30.45 -37.00
C LEU B 158 -6.64 30.98 -37.37
N VAL B 159 -5.69 30.89 -36.44
CA VAL B 159 -4.30 31.24 -36.74
C VAL B 159 -3.72 30.24 -37.72
N ASP B 160 -4.10 28.99 -37.60
CA ASP B 160 -3.52 27.97 -38.45
C ASP B 160 -4.04 28.09 -39.87
N PHE B 161 -5.22 28.67 -40.05
CA PHE B 161 -5.73 28.82 -41.39
C PHE B 161 -5.07 29.98 -42.11
N LEU B 162 -4.80 31.07 -41.39
CA LEU B 162 -4.14 32.22 -42.00
C LEU B 162 -2.62 32.12 -41.97
N TYR B 163 -2.09 31.01 -41.44
CA TYR B 163 -0.68 30.64 -41.47
C TYR B 163 0.27 31.67 -40.83
N PRO B 173 6.56 31.73 -30.61
CA PRO B 173 5.42 30.85 -30.38
C PRO B 173 5.83 29.39 -30.26
N PHE B 174 5.06 28.62 -29.50
CA PHE B 174 5.28 27.17 -29.39
C PHE B 174 4.00 26.37 -29.55
N ARG B 175 2.93 26.99 -30.07
CA ARG B 175 1.66 26.34 -30.39
C ARG B 175 1.03 25.67 -29.17
N ILE B 176 0.55 26.50 -28.24
CA ILE B 176 -0.21 25.92 -27.14
C ILE B 176 -1.68 25.83 -27.59
N ALA B 177 -1.95 24.90 -28.48
CA ALA B 177 -3.21 24.20 -28.52
C ALA B 177 -3.23 22.96 -27.64
N PRO B 178 -2.27 22.01 -27.74
CA PRO B 178 -2.59 20.68 -27.21
C PRO B 178 -2.51 20.57 -25.71
N TYR B 179 -2.00 21.58 -25.02
CA TYR B 179 -2.15 21.60 -23.58
C TYR B 179 -3.59 21.84 -23.21
N VAL B 180 -4.29 22.64 -23.99
CA VAL B 180 -5.64 23.06 -23.62
C VAL B 180 -6.61 21.92 -23.82
N ARG B 181 -6.45 21.16 -24.90
CA ARG B 181 -7.42 20.15 -25.29
C ARG B 181 -7.57 19.09 -24.23
N VAL B 182 -6.51 18.88 -23.45
CA VAL B 182 -6.62 18.07 -22.25
C VAL B 182 -7.51 18.77 -21.23
N ILE B 183 -7.26 20.06 -21.00
CA ILE B 183 -7.90 20.71 -19.85
C ILE B 183 -9.37 20.98 -20.14
N ILE B 184 -9.74 21.09 -21.40
CA ILE B 184 -11.15 20.99 -21.76
C ILE B 184 -11.67 19.62 -21.42
N PHE B 185 -10.90 18.60 -21.80
CA PHE B 185 -11.36 17.24 -21.64
C PHE B 185 -11.39 16.84 -20.15
N ILE B 186 -10.56 17.46 -19.32
CA ILE B 186 -10.66 17.15 -17.90
C ILE B 186 -11.91 17.76 -17.32
N LEU B 187 -12.18 19.03 -17.63
CA LEU B 187 -13.27 19.73 -17.00
C LEU B 187 -14.62 19.30 -17.57
N SER B 188 -14.61 18.68 -18.75
CA SER B 188 -15.88 18.33 -19.39
C SER B 188 -16.55 17.16 -18.70
N ILE B 189 -15.81 16.11 -18.40
CA ILE B 189 -16.45 14.92 -17.89
C ILE B 189 -16.44 14.92 -16.37
N ARG B 190 -17.59 14.65 -15.79
CA ARG B 190 -17.84 14.95 -14.39
C ARG B 190 -17.03 14.05 -13.48
N GLU B 191 -16.65 12.86 -13.96
CA GLU B 191 -15.74 12.01 -13.22
C GLU B 191 -14.39 12.67 -13.02
N LEU B 192 -13.81 13.19 -14.10
CA LEU B 192 -12.48 13.78 -13.99
C LEU B 192 -12.51 15.11 -13.27
N ARG B 193 -13.65 15.79 -13.31
CA ARG B 193 -13.72 17.05 -12.58
C ARG B 193 -13.94 16.80 -11.10
N ASP B 194 -14.74 15.79 -10.76
CA ASP B 194 -14.90 15.41 -9.35
C ASP B 194 -13.60 14.92 -8.78
N THR B 195 -12.84 14.18 -9.59
CA THR B 195 -11.55 13.63 -9.15
C THR B 195 -10.57 14.74 -8.82
N LEU B 196 -10.57 15.77 -9.62
CA LEU B 196 -9.49 16.74 -9.54
C LEU B 196 -9.73 17.71 -8.40
N VAL B 197 -10.96 17.76 -7.88
CA VAL B 197 -11.26 18.54 -6.69
C VAL B 197 -10.51 17.99 -5.50
N LEU B 198 -10.34 16.66 -5.47
CA LEU B 198 -9.60 16.01 -4.39
C LEU B 198 -8.17 16.51 -4.34
N LEU B 199 -7.56 16.72 -5.50
CA LEU B 199 -6.16 17.11 -5.52
C LEU B 199 -6.01 18.61 -5.37
N SER B 200 -7.06 19.30 -4.98
CA SER B 200 -6.88 20.57 -4.30
C SER B 200 -6.94 20.36 -2.79
N GLY B 201 -7.77 19.42 -2.34
CA GLY B 201 -7.85 19.15 -0.91
C GLY B 201 -6.73 18.25 -0.43
N MET B 202 -6.22 17.38 -1.29
CA MET B 202 -5.15 16.50 -0.85
C MET B 202 -3.82 17.22 -0.88
N LEU B 203 -3.72 18.24 -1.71
CA LEU B 203 -2.43 18.75 -2.12
C LEU B 203 -1.81 19.57 -1.01
N GLY B 204 -2.66 20.15 -0.16
CA GLY B 204 -2.17 20.87 0.99
C GLY B 204 -1.64 19.94 2.06
N THR B 205 -2.00 18.67 1.99
CA THR B 205 -1.43 17.71 2.94
C THR B 205 -0.24 17.01 2.32
N TYR B 206 -0.32 16.75 1.02
CA TYR B 206 0.75 16.07 0.33
C TYR B 206 2.00 16.92 0.23
N LEU B 207 1.85 18.22 0.03
CA LEU B 207 3.03 19.04 -0.16
C LEU B 207 3.78 19.25 1.14
N ASN B 208 3.06 19.30 2.26
CA ASN B 208 3.78 19.45 3.52
C ASN B 208 4.54 18.20 3.85
N ILE B 209 4.07 17.05 3.40
CA ILE B 209 4.82 15.86 3.72
C ILE B 209 5.95 15.68 2.75
N LEU B 210 5.90 16.40 1.64
CA LEU B 210 6.93 16.27 0.64
C LEU B 210 8.17 17.02 1.09
N ALA B 211 7.98 18.11 1.81
CA ALA B 211 9.12 18.83 2.37
C ALA B 211 9.85 17.97 3.39
N LEU B 212 9.13 17.06 4.04
CA LEU B 212 9.79 16.13 4.92
C LEU B 212 10.38 14.96 4.14
N TRP B 213 9.83 14.68 2.97
CA TRP B 213 10.48 13.71 2.11
C TRP B 213 11.73 14.29 1.49
N MET B 214 11.61 15.48 0.91
CA MET B 214 12.72 16.16 0.25
C MET B 214 13.89 16.34 1.19
N LEU B 215 13.58 16.49 2.47
CA LEU B 215 14.59 16.55 3.49
C LEU B 215 15.30 15.21 3.65
N PHE B 216 14.62 14.11 3.38
CA PHE B 216 15.22 12.81 3.67
C PHE B 216 16.29 12.46 2.68
N LEU B 217 16.10 12.82 1.42
CA LEU B 217 17.20 12.65 0.48
C LEU B 217 18.36 13.55 0.81
N LEU B 218 18.08 14.83 1.09
CA LEU B 218 19.12 15.83 1.25
C LEU B 218 19.97 15.53 2.47
N PHE B 219 19.35 15.10 3.53
CA PHE B 219 20.10 14.68 4.71
C PHE B 219 20.96 13.47 4.38
N ALA B 220 20.44 12.57 3.56
CA ALA B 220 21.15 11.34 3.34
C ALA B 220 21.89 11.36 2.01
N SER B 221 21.70 12.39 1.20
CA SER B 221 22.67 12.60 0.13
C SER B 221 23.90 13.26 0.69
N TRP B 222 23.74 13.93 1.83
CA TRP B 222 24.83 14.69 2.41
C TRP B 222 25.84 13.78 3.07
N ILE B 223 25.36 12.74 3.75
CA ILE B 223 26.27 11.86 4.47
C ILE B 223 27.11 11.05 3.49
N ALA B 224 26.48 10.46 2.49
CA ALA B 224 27.22 9.60 1.57
C ALA B 224 28.13 10.42 0.66
N PHE B 225 27.84 11.70 0.49
CA PHE B 225 28.82 12.55 -0.13
C PHE B 225 30.00 12.81 0.80
N VAL B 226 29.68 13.09 2.06
CA VAL B 226 30.69 13.28 3.08
C VAL B 226 31.46 12.00 3.33
N MET B 227 30.75 10.88 3.40
CA MET B 227 31.37 9.61 3.79
C MET B 227 32.29 9.09 2.71
N PHE B 228 31.97 9.37 1.46
CA PHE B 228 32.69 8.74 0.38
C PHE B 228 33.45 9.71 -0.48
N GLU B 229 33.76 10.89 0.02
CA GLU B 229 34.76 11.71 -0.65
C GLU B 229 36.10 10.99 -0.66
N ASN B 230 36.42 10.30 0.43
CA ASN B 230 37.76 9.79 0.63
C ASN B 230 38.01 8.58 -0.25
N THR B 231 37.02 7.72 -0.41
CA THR B 231 37.20 6.42 -1.03
C THR B 231 37.10 6.51 -2.55
N GLN B 232 36.94 5.32 -3.15
CA GLN B 232 36.85 5.20 -4.60
C GLN B 232 35.54 5.79 -5.13
N GLN B 233 34.54 5.90 -4.27
CA GLN B 233 33.21 6.31 -4.71
C GLN B 233 33.21 7.75 -5.19
N GLY B 234 33.81 8.64 -4.42
CA GLY B 234 33.85 10.04 -4.81
C GLY B 234 34.73 10.27 -6.03
N LEU B 235 35.67 9.36 -6.27
CA LEU B 235 36.40 9.38 -7.54
C LEU B 235 35.48 9.01 -8.69
N THR B 236 34.51 8.14 -8.44
CA THR B 236 33.79 7.55 -9.56
C THR B 236 32.43 8.21 -9.77
N VAL B 237 31.58 8.16 -8.76
CA VAL B 237 30.21 8.62 -8.96
C VAL B 237 29.97 9.85 -8.12
N PHE B 238 30.45 9.86 -6.89
CA PHE B 238 29.95 10.84 -5.95
C PHE B 238 30.79 12.11 -5.98
N THR B 239 31.27 12.49 -7.17
CA THR B 239 32.18 13.62 -7.33
C THR B 239 31.57 14.90 -6.81
N SER B 240 30.51 15.37 -7.46
CA SER B 240 29.76 16.52 -7.02
C SER B 240 28.94 16.13 -5.81
N TYR B 241 28.52 17.10 -5.03
CA TYR B 241 27.44 16.84 -4.09
C TYR B 241 26.16 16.58 -4.83
N GLY B 242 25.86 17.39 -5.84
CA GLY B 242 24.62 17.23 -6.56
C GLY B 242 24.62 15.99 -7.42
N ALA B 243 25.79 15.38 -7.61
CA ALA B 243 25.84 14.04 -8.18
C ALA B 243 25.67 12.97 -7.13
N THR B 244 25.38 13.35 -5.89
CA THR B 244 24.89 12.33 -4.98
C THR B 244 23.42 12.55 -4.71
N LEU B 245 22.99 13.80 -4.68
CA LEU B 245 21.57 14.09 -4.65
C LEU B 245 20.86 13.47 -5.83
N TYR B 246 21.55 13.44 -6.96
CA TYR B 246 21.04 12.74 -8.12
C TYR B 246 20.98 11.24 -7.89
N GLN B 247 22.07 10.65 -7.39
CA GLN B 247 22.17 9.20 -7.30
C GLN B 247 21.40 8.64 -6.12
N MET B 248 21.53 9.25 -4.95
CA MET B 248 20.79 8.73 -3.81
C MET B 248 19.29 9.00 -3.94
N PHE B 249 18.90 9.87 -4.85
CA PHE B 249 17.50 9.95 -5.26
C PHE B 249 17.09 8.72 -6.02
N ILE B 250 17.96 8.25 -6.90
CA ILE B 250 17.56 7.10 -7.69
C ILE B 250 17.55 5.86 -6.84
N LEU B 251 18.34 5.84 -5.76
CA LEU B 251 18.22 4.73 -4.83
C LEU B 251 16.91 4.78 -4.07
N PHE B 252 16.32 5.95 -3.92
CA PHE B 252 15.01 6.00 -3.27
C PHE B 252 13.97 5.33 -4.16
N THR B 253 14.21 5.30 -5.45
CA THR B 253 13.28 4.62 -6.32
C THR B 253 13.60 3.13 -6.39
N THR B 254 14.85 2.76 -6.09
CA THR B 254 15.47 1.46 -6.32
C THR B 254 15.23 0.91 -7.70
N SER B 255 15.28 1.72 -8.72
CA SER B 255 15.51 1.16 -10.03
C SER B 255 16.97 1.10 -10.33
N ASN B 256 17.80 1.24 -9.30
CA ASN B 256 19.23 1.29 -9.48
C ASN B 256 19.99 0.69 -8.31
N ASN B 257 19.61 -0.46 -7.79
CA ASN B 257 20.13 -0.75 -6.45
C ASN B 257 21.57 -1.27 -6.42
N PRO B 258 22.02 -2.22 -7.23
CA PRO B 258 23.43 -2.58 -7.08
C PRO B 258 24.38 -1.72 -7.88
N ASP B 259 23.90 -1.14 -8.97
CA ASP B 259 24.78 -0.40 -9.87
C ASP B 259 25.25 0.91 -9.27
N VAL B 260 24.54 1.41 -8.26
CA VAL B 260 25.02 2.62 -7.61
C VAL B 260 26.24 2.30 -6.81
N TRP B 261 26.18 1.29 -5.97
CA TRP B 261 27.19 1.16 -4.95
C TRP B 261 28.10 -0.03 -5.13
N ILE B 262 28.36 -0.44 -6.37
CA ILE B 262 29.45 -1.38 -6.63
C ILE B 262 30.78 -0.89 -6.13
N PRO B 263 31.31 0.28 -6.51
CA PRO B 263 32.68 0.56 -6.08
C PRO B 263 32.77 1.02 -4.65
N ALA B 264 31.65 1.19 -3.97
CA ALA B 264 31.71 1.26 -2.52
C ALA B 264 31.56 -0.12 -1.90
N TYR B 265 31.01 -1.07 -2.65
CA TYR B 265 30.95 -2.44 -2.15
C TYR B 265 32.18 -3.23 -2.53
N LYS B 266 32.77 -2.89 -3.66
CA LYS B 266 33.94 -3.61 -4.15
C LYS B 266 35.14 -3.39 -3.26
N SER B 267 35.26 -2.19 -2.69
CA SER B 267 36.47 -1.87 -1.94
C SER B 267 36.37 -2.30 -0.49
N SER B 268 35.40 -1.76 0.24
CA SER B 268 35.18 -2.27 1.57
C SER B 268 33.77 -2.78 1.64
N ARG B 269 33.61 -3.97 2.18
CA ARG B 269 32.30 -4.61 2.19
C ARG B 269 31.37 -3.90 3.15
N TRP B 270 31.94 -3.22 4.14
CA TRP B 270 31.16 -2.57 5.18
C TRP B 270 30.41 -1.34 4.71
N SER B 271 30.49 -0.99 3.43
CA SER B 271 29.71 0.15 2.97
C SER B 271 28.37 -0.28 2.43
N SER B 272 28.11 -1.57 2.34
CA SER B 272 26.76 -2.01 2.04
C SER B 272 25.83 -1.71 3.19
N VAL B 273 26.35 -1.80 4.42
CA VAL B 273 25.52 -1.65 5.62
C VAL B 273 25.01 -0.22 5.73
N PHE B 274 25.68 0.73 5.10
CA PHE B 274 25.01 1.98 4.79
C PHE B 274 23.87 1.77 3.84
N PHE B 275 24.16 1.32 2.62
CA PHE B 275 23.19 1.38 1.54
C PHE B 275 22.04 0.42 1.75
N VAL B 276 22.30 -0.71 2.38
CA VAL B 276 21.20 -1.60 2.70
C VAL B 276 20.40 -1.07 3.86
N LEU B 277 20.92 -0.05 4.55
CA LEU B 277 20.10 0.56 5.58
C LEU B 277 19.39 1.79 5.05
N TYR B 278 20.02 2.54 4.16
CA TYR B 278 19.35 3.70 3.61
C TYR B 278 18.19 3.30 2.73
N VAL B 279 18.36 2.33 1.86
CA VAL B 279 17.27 1.89 0.99
C VAL B 279 16.13 1.33 1.81
N LEU B 280 16.48 0.59 2.86
CA LEU B 280 15.52 -0.02 3.75
C LEU B 280 14.64 1.03 4.42
N ILE B 281 15.27 2.06 4.96
CA ILE B 281 14.50 3.16 5.55
C ILE B 281 13.83 3.95 4.43
N GLY B 282 14.46 3.99 3.26
CA GLY B 282 13.91 4.78 2.18
C GLY B 282 12.67 4.16 1.59
N VAL B 283 12.75 2.91 1.18
CA VAL B 283 11.63 2.32 0.47
C VAL B 283 10.58 1.89 1.46
N TYR B 284 10.98 1.08 2.42
CA TYR B 284 10.00 0.30 3.14
C TYR B 284 9.36 1.10 4.26
N PHE B 285 9.92 2.25 4.63
CA PHE B 285 9.21 3.06 5.61
C PHE B 285 8.60 4.30 4.97
N VAL B 286 9.40 5.07 4.26
CA VAL B 286 8.94 6.36 3.82
C VAL B 286 7.94 6.23 2.70
N THR B 287 8.17 5.30 1.76
CA THR B 287 7.24 5.18 0.65
C THR B 287 5.98 4.43 1.07
N ASN B 288 6.00 3.86 2.26
CA ASN B 288 4.76 3.56 2.93
C ASN B 288 4.23 4.78 3.65
N LEU B 289 5.12 5.57 4.24
CA LEU B 289 4.62 6.70 5.00
C LEU B 289 4.34 7.91 4.12
N ILE B 290 4.68 7.84 2.83
CA ILE B 290 4.00 8.73 1.91
C ILE B 290 2.64 8.16 1.59
N LEU B 291 2.58 6.83 1.43
CA LEU B 291 1.31 6.18 1.12
C LEU B 291 0.33 6.32 2.26
N ALA B 292 0.81 6.23 3.49
CA ALA B 292 -0.07 6.30 4.66
C ALA B 292 -0.79 7.62 4.73
N VAL B 293 -0.08 8.72 4.47
CA VAL B 293 -0.71 10.03 4.52
C VAL B 293 -1.66 10.19 3.36
N VAL B 294 -1.20 9.84 2.18
CA VAL B 294 -1.98 10.04 0.97
C VAL B 294 -3.17 9.08 0.95
N TYR B 295 -3.06 7.97 1.64
CA TYR B 295 -4.25 7.17 1.89
C TYR B 295 -5.07 7.76 3.02
N ASP B 296 -4.46 8.51 3.91
CA ASP B 296 -5.27 9.05 5.00
C ASP B 296 -6.07 10.26 4.53
N SER B 297 -5.44 11.15 3.76
CA SER B 297 -6.18 12.31 3.29
C SER B 297 -7.19 11.93 2.23
N PHE B 298 -6.94 10.85 1.50
CA PHE B 298 -7.93 10.41 0.53
C PHE B 298 -9.19 9.93 1.23
N LYS B 299 -9.06 9.36 2.43
CA LYS B 299 -10.24 9.03 3.21
C LYS B 299 -11.03 10.27 3.55
N GLU B 300 -10.34 11.33 3.92
CA GLU B 300 -11.05 12.51 4.38
C GLU B 300 -11.56 13.33 3.22
N GLN B 301 -10.90 13.24 2.07
CA GLN B 301 -11.43 13.93 0.91
C GLN B 301 -12.57 13.16 0.29
N LEU B 302 -12.61 11.85 0.49
CA LEU B 302 -13.66 11.08 -0.16
C LEU B 302 -14.98 11.32 0.50
N ALA B 303 -14.99 11.31 1.83
CA ALA B 303 -16.22 11.57 2.56
C ALA B 303 -16.68 13.00 2.36
N LYS B 304 -15.74 13.94 2.35
CA LYS B 304 -16.06 15.34 2.13
C LYS B 304 -16.60 15.56 0.73
N GLN B 305 -16.16 14.74 -0.21
CA GLN B 305 -16.85 14.72 -1.48
C GLN B 305 -18.22 14.07 -1.36
N VAL B 306 -18.32 12.98 -0.60
CA VAL B 306 -19.57 12.23 -0.53
C VAL B 306 -20.64 13.01 0.22
N SER B 307 -20.27 13.69 1.29
CA SER B 307 -21.23 14.57 1.94
C SER B 307 -21.50 15.79 1.09
N GLY B 308 -20.62 16.09 0.13
CA GLY B 308 -20.96 17.06 -0.88
C GLY B 308 -21.91 16.50 -1.91
N MET B 309 -22.10 15.19 -1.91
CA MET B 309 -23.09 14.61 -2.80
C MET B 309 -24.43 14.47 -2.09
N ASP B 310 -24.43 14.38 -0.77
CA ASP B 310 -25.69 14.15 -0.07
C ASP B 310 -26.40 15.45 0.28
N GLN B 311 -25.69 16.57 0.30
CA GLN B 311 -26.43 17.82 0.28
C GLN B 311 -27.09 18.01 -1.05
N MET B 312 -26.51 17.47 -2.10
CA MET B 312 -27.23 17.46 -3.37
C MET B 312 -28.42 16.51 -3.29
N LYS B 313 -28.36 15.50 -2.41
CA LYS B 313 -29.56 14.70 -2.16
C LYS B 313 -30.58 15.50 -1.37
N ARG B 314 -30.14 16.14 -0.28
CA ARG B 314 -31.06 16.89 0.58
C ARG B 314 -31.59 18.12 -0.13
N ARG B 315 -30.74 18.80 -0.94
CA ARG B 315 -31.25 19.91 -1.72
C ARG B 315 -31.97 19.43 -2.98
N MET B 316 -32.04 18.11 -3.19
CA MET B 316 -33.06 17.62 -4.11
C MET B 316 -34.32 17.21 -3.37
N LEU B 317 -34.19 16.57 -2.22
CA LEU B 317 -35.39 16.05 -1.59
C LEU B 317 -36.15 17.14 -0.87
N GLU B 318 -35.49 18.26 -0.57
CA GLU B 318 -36.23 19.44 -0.12
C GLU B 318 -37.15 19.93 -1.22
N LYS B 319 -36.68 19.87 -2.46
CA LYS B 319 -37.56 20.17 -3.57
C LYS B 319 -38.64 19.10 -3.71
N ALA B 320 -38.29 17.86 -3.39
CA ALA B 320 -39.29 16.80 -3.46
C ALA B 320 -40.32 16.94 -2.35
N PHE B 321 -39.92 17.53 -1.23
CA PHE B 321 -40.86 17.74 -0.13
C PHE B 321 -41.63 19.03 -0.35
N GLY B 322 -40.97 20.04 -0.89
CA GLY B 322 -41.62 21.32 -1.07
C GLY B 322 -42.60 21.33 -2.23
N LEU B 323 -42.44 20.39 -3.16
CA LEU B 323 -43.36 20.35 -4.27
C LEU B 323 -44.70 19.77 -3.82
N ILE B 324 -44.71 19.04 -2.71
CA ILE B 324 -45.93 18.36 -2.30
C ILE B 324 -46.90 19.33 -1.66
N ASP B 325 -46.48 19.97 -0.57
CA ASP B 325 -47.40 20.71 0.27
C ASP B 325 -47.66 22.06 -0.38
N SER B 326 -48.94 22.42 -0.47
CA SER B 326 -49.29 23.75 -0.96
C SER B 326 -49.34 24.74 0.18
N ASP B 327 -49.85 24.31 1.34
CA ASP B 327 -49.81 25.13 2.54
C ASP B 327 -48.38 25.28 3.05
N LYS B 328 -47.56 24.26 2.79
CA LYS B 328 -46.18 24.16 3.26
C LYS B 328 -46.11 24.27 4.77
N ASN B 329 -47.06 23.61 5.43
CA ASN B 329 -47.08 23.55 6.89
C ASN B 329 -45.97 22.66 7.42
N GLY B 330 -45.43 21.79 6.58
CA GLY B 330 -44.26 21.02 6.92
C GLY B 330 -44.56 19.54 6.99
N GLU B 331 -45.76 19.16 6.57
CA GLU B 331 -46.24 17.82 6.82
C GLU B 331 -46.99 17.28 5.62
N ILE B 332 -46.83 15.99 5.40
CA ILE B 332 -47.54 15.25 4.36
C ILE B 332 -48.29 14.10 5.03
N ASP B 333 -49.56 13.92 4.64
CA ASP B 333 -50.36 12.84 5.20
C ASP B 333 -49.98 11.50 4.61
N LYS B 334 -50.50 10.44 5.23
CA LYS B 334 -50.18 9.08 4.82
C LYS B 334 -50.73 8.76 3.44
N ASN B 335 -52.02 9.04 3.21
CA ASN B 335 -52.59 8.88 1.88
C ASN B 335 -51.99 9.87 0.91
N GLN B 336 -51.61 11.03 1.43
CA GLN B 336 -50.86 12.00 0.66
C GLN B 336 -49.47 11.47 0.34
N CYS B 337 -48.99 10.54 1.16
CA CYS B 337 -47.76 9.80 0.86
C CYS B 337 -48.05 8.52 0.09
N ILE B 338 -49.24 7.94 0.31
CA ILE B 338 -49.61 6.74 -0.44
C ILE B 338 -49.90 7.08 -1.89
N LYS B 339 -50.40 8.30 -2.13
CA LYS B 339 -50.64 8.70 -3.52
C LYS B 339 -49.33 8.92 -4.27
N LEU B 340 -48.22 9.10 -3.54
CA LEU B 340 -46.92 9.04 -4.17
C LEU B 340 -46.60 7.63 -4.59
N PHE B 341 -46.94 6.68 -3.74
CA PHE B 341 -46.62 5.28 -3.99
C PHE B 341 -47.42 4.75 -5.17
N GLU B 342 -48.66 5.22 -5.31
CA GLU B 342 -49.43 4.89 -6.51
C GLU B 342 -48.87 5.61 -7.73
N GLN B 343 -48.39 6.83 -7.55
CA GLN B 343 -47.77 7.54 -8.66
C GLN B 343 -46.35 7.04 -8.88
N LEU B 344 -45.79 6.33 -7.89
CA LEU B 344 -44.44 5.78 -7.99
C LEU B 344 -44.27 4.83 -9.15
N THR B 345 -45.31 4.02 -9.43
CA THR B 345 -45.31 2.96 -10.45
C THR B 345 -44.16 1.98 -10.23
N ASN B 346 -43.78 1.78 -8.97
CA ASN B 346 -42.81 0.75 -8.61
C ASN B 346 -43.22 -0.01 -7.36
N TYR B 347 -44.14 -0.98 -7.53
CA TYR B 347 -44.33 -2.17 -6.69
C TYR B 347 -45.45 -2.98 -7.35
N ARG B 348 -45.84 -4.10 -6.78
CA ARG B 348 -47.06 -4.79 -7.18
C ARG B 348 -48.31 -4.26 -6.49
N THR B 349 -48.41 -4.36 -5.17
CA THR B 349 -49.59 -3.94 -4.43
C THR B 349 -49.18 -3.16 -3.19
N LEU B 350 -49.93 -2.11 -2.85
CA LEU B 350 -49.52 -1.19 -1.80
C LEU B 350 -50.63 -0.79 -0.81
N PRO B 351 -51.26 -1.71 -0.04
CA PRO B 351 -52.33 -1.27 0.88
C PRO B 351 -51.83 -0.72 2.21
N LYS B 352 -50.78 -1.31 2.79
CA LYS B 352 -50.24 -0.82 4.06
C LYS B 352 -48.72 -0.88 4.14
N ILE B 353 -48.00 -0.66 3.03
CA ILE B 353 -46.55 -0.79 3.05
C ILE B 353 -45.90 0.42 3.71
N SER B 354 -46.54 1.58 3.59
CA SER B 354 -46.19 2.70 4.47
C SER B 354 -46.38 2.32 5.92
N LYS B 355 -47.50 1.65 6.24
CA LYS B 355 -47.72 1.13 7.58
C LYS B 355 -46.75 0.00 7.90
N GLU B 356 -46.28 -0.72 6.87
CA GLU B 356 -45.18 -1.65 7.11
C GLU B 356 -43.88 -0.91 7.38
N GLU B 357 -43.63 0.15 6.62
CA GLU B 357 -42.34 0.82 6.70
C GLU B 357 -42.34 1.98 7.67
N PHE B 358 -43.37 2.10 8.50
CA PHE B 358 -43.38 3.16 9.53
C PHE B 358 -42.26 2.97 10.54
N GLY B 359 -42.37 1.92 11.37
CA GLY B 359 -41.37 1.71 12.39
C GLY B 359 -40.08 1.11 11.83
N LEU B 360 -40.17 0.49 10.65
CA LEU B 360 -39.00 -0.11 10.02
C LEU B 360 -37.99 0.96 9.63
N ILE B 361 -38.48 2.07 9.08
CA ILE B 361 -37.69 3.28 8.98
C ILE B 361 -37.46 3.72 10.41
N PHE B 362 -36.20 4.09 10.69
CA PHE B 362 -35.52 4.22 11.99
C PHE B 362 -36.43 4.86 13.05
N ASP B 363 -36.95 6.06 12.82
CA ASP B 363 -37.80 6.74 13.79
C ASP B 363 -39.00 7.36 13.10
N GLU B 364 -40.18 7.17 13.68
CA GLU B 364 -41.39 7.82 13.22
C GLU B 364 -41.83 8.83 14.27
N LEU B 365 -42.35 9.98 13.83
CA LEU B 365 -42.99 10.91 14.77
C LEU B 365 -44.29 10.32 15.30
N ASP B 366 -45.23 9.98 14.39
CA ASP B 366 -46.46 9.23 14.69
C ASP B 366 -47.36 10.01 15.65
N ASP B 367 -47.28 11.34 15.59
CA ASP B 367 -47.98 12.16 16.57
C ASP B 367 -49.46 12.29 16.24
N THR B 368 -49.78 12.96 15.12
CA THR B 368 -51.13 12.99 14.57
C THR B 368 -51.23 11.82 13.60
N ARG B 369 -51.86 10.74 14.07
CA ARG B 369 -51.42 9.34 13.97
C ARG B 369 -50.76 9.05 12.61
N ASP B 370 -51.46 9.20 11.49
CA ASP B 370 -50.85 8.81 10.23
C ASP B 370 -50.24 10.01 9.51
N PHE B 371 -50.59 11.22 9.93
CA PHE B 371 -50.26 12.43 9.19
C PHE B 371 -49.41 13.38 10.03
N LYS B 372 -48.13 13.06 10.16
CA LYS B 372 -47.14 13.98 10.68
C LYS B 372 -45.76 13.53 10.20
N ILE B 373 -45.33 14.07 9.07
CA ILE B 373 -44.09 13.66 8.44
C ILE B 373 -43.25 14.90 8.22
N ASN B 374 -42.02 14.88 8.72
CA ASN B 374 -41.16 16.06 8.67
C ASN B 374 -40.39 16.01 7.37
N LYS B 375 -39.71 17.11 7.06
CA LYS B 375 -38.89 17.23 5.86
C LYS B 375 -37.74 16.24 5.87
N ASP B 376 -37.25 15.88 7.06
CA ASP B 376 -36.20 14.89 7.15
C ASP B 376 -36.75 13.48 6.99
N GLU B 377 -38.02 13.28 7.36
CA GLU B 377 -38.54 11.93 7.50
C GLU B 377 -38.70 11.24 6.15
N PHE B 378 -38.97 12.01 5.10
CA PHE B 378 -39.17 11.39 3.80
C PHE B 378 -37.87 10.87 3.19
N ALA B 379 -36.74 11.49 3.56
CA ALA B 379 -35.48 11.24 2.88
C ALA B 379 -35.00 9.81 3.08
N ASP B 380 -35.46 9.15 4.14
CA ASP B 380 -35.17 7.74 4.29
C ASP B 380 -36.05 6.91 3.37
N LEU B 381 -37.28 7.35 3.13
CA LEU B 381 -38.25 6.56 2.39
C LEU B 381 -37.89 6.46 0.92
N CYS B 382 -37.42 7.55 0.34
CA CYS B 382 -37.00 7.51 -1.06
C CYS B 382 -35.73 6.67 -1.23
N GLN B 383 -34.86 6.67 -0.21
CA GLN B 383 -33.66 5.84 -0.29
C GLN B 383 -33.98 4.38 -0.01
N ALA B 384 -35.04 4.12 0.76
CA ALA B 384 -35.36 2.75 1.11
C ALA B 384 -35.93 1.98 -0.06
N ILE B 385 -36.71 2.64 -0.92
CA ILE B 385 -37.31 1.93 -2.04
C ILE B 385 -36.27 1.64 -3.11
N ALA B 386 -35.26 2.51 -3.21
CA ALA B 386 -34.14 2.23 -4.11
C ALA B 386 -33.31 1.06 -3.59
N LEU B 387 -32.96 1.10 -2.30
CA LEU B 387 -32.08 0.08 -1.74
C LEU B 387 -32.78 -1.28 -1.62
N ARG B 388 -33.81 -1.36 -0.78
CA ARG B 388 -34.39 -2.65 -0.43
C ARG B 388 -35.44 -3.13 -1.40
N PHE B 389 -36.45 -2.31 -1.69
CA PHE B 389 -37.59 -2.81 -2.46
C PHE B 389 -37.26 -2.96 -3.94
N GLN B 390 -36.85 -1.85 -4.58
CA GLN B 390 -36.30 -1.84 -5.95
C GLN B 390 -37.30 -2.41 -6.96
N LYS B 391 -38.37 -1.68 -7.23
CA LYS B 391 -39.32 -2.17 -8.23
C LYS B 391 -39.46 -1.24 -9.43
N GLU B 392 -38.57 -0.26 -9.60
CA GLU B 392 -38.60 0.64 -10.75
C GLU B 392 -38.02 -0.05 -11.97
N GLU B 393 -38.63 0.22 -13.14
CA GLU B 393 -38.04 -0.05 -14.44
C GLU B 393 -38.79 0.77 -15.47
N VAL B 394 -38.05 1.46 -16.33
CA VAL B 394 -38.64 2.38 -17.31
C VAL B 394 -38.84 1.61 -18.61
N PRO B 395 -40.04 1.63 -19.19
CA PRO B 395 -40.27 0.81 -20.40
C PRO B 395 -39.67 1.39 -21.67
N SER B 396 -39.86 2.68 -21.95
CA SER B 396 -39.35 3.43 -23.11
C SER B 396 -39.78 2.81 -24.43
N LEU B 397 -41.07 2.84 -24.78
CA LEU B 397 -41.76 1.95 -25.73
C LEU B 397 -41.16 2.04 -27.14
N PHE B 398 -41.46 3.07 -27.92
CA PHE B 398 -41.09 3.18 -29.32
C PHE B 398 -41.33 4.62 -29.72
N GLU B 399 -40.79 5.01 -30.86
CA GLU B 399 -41.36 6.17 -31.53
C GLU B 399 -42.67 5.75 -32.18
N HIS B 400 -43.56 6.73 -32.36
CA HIS B 400 -44.99 6.42 -32.32
C HIS B 400 -45.49 5.81 -33.63
N PHE B 401 -44.70 5.82 -34.69
CA PHE B 401 -45.19 5.23 -35.94
C PHE B 401 -45.08 3.70 -35.98
N PRO B 402 -43.92 3.02 -35.68
CA PRO B 402 -43.92 1.55 -35.74
C PRO B 402 -44.28 0.87 -34.42
N GLN B 403 -44.88 1.62 -33.49
CA GLN B 403 -44.98 1.15 -32.10
C GLN B 403 -45.90 -0.05 -31.96
N ILE B 404 -47.16 0.08 -32.39
CA ILE B 404 -48.17 -0.93 -32.10
C ILE B 404 -47.92 -2.21 -32.89
N TYR B 405 -47.26 -2.09 -34.05
CA TYR B 405 -46.81 -3.28 -34.78
C TYR B 405 -45.84 -4.10 -33.94
N HIS B 406 -44.96 -3.41 -33.22
CA HIS B 406 -43.90 -4.11 -32.51
C HIS B 406 -44.27 -4.34 -31.05
N SER B 407 -45.08 -3.43 -30.47
CA SER B 407 -45.40 -3.54 -29.04
C SER B 407 -46.32 -4.72 -28.76
N ALA B 408 -47.19 -5.06 -29.70
CA ALA B 408 -47.93 -6.30 -29.58
C ALA B 408 -47.01 -7.49 -29.83
N LEU B 409 -46.12 -7.36 -30.81
CA LEU B 409 -45.29 -8.49 -31.21
C LEU B 409 -44.10 -8.66 -30.26
N SER B 410 -43.79 -7.63 -29.45
CA SER B 410 -42.76 -7.77 -28.43
C SER B 410 -43.21 -8.69 -27.30
N GLN B 411 -44.53 -8.80 -27.08
CA GLN B 411 -45.03 -9.68 -26.04
C GLN B 411 -44.94 -11.14 -26.48
N GLN B 412 -44.72 -11.36 -27.77
CA GLN B 412 -44.43 -12.70 -28.26
C GLN B 412 -42.91 -12.92 -28.32
N LEU B 413 -42.13 -11.83 -28.30
CA LEU B 413 -40.68 -11.95 -28.09
C LEU B 413 -40.31 -11.90 -26.62
N ARG B 414 -40.71 -10.85 -25.91
CA ARG B 414 -40.13 -10.60 -24.60
C ARG B 414 -40.83 -11.43 -23.52
N ALA B 415 -41.76 -12.29 -23.93
CA ALA B 415 -42.11 -13.44 -23.11
C ALA B 415 -40.93 -14.40 -23.00
N PHE B 416 -40.04 -14.41 -24.00
CA PHE B 416 -38.96 -15.40 -24.01
C PHE B 416 -37.77 -14.93 -23.20
N VAL B 417 -37.36 -13.68 -23.38
CA VAL B 417 -36.07 -13.24 -22.83
C VAL B 417 -36.18 -12.97 -21.34
N ARG B 418 -37.32 -12.43 -20.90
CA ARG B 418 -37.49 -12.13 -19.49
C ARG B 418 -37.73 -13.39 -18.67
N SER B 419 -38.01 -14.52 -19.34
CA SER B 419 -37.99 -15.81 -18.66
C SER B 419 -36.57 -16.13 -18.19
N PRO B 420 -36.39 -16.43 -16.90
CA PRO B 420 -35.03 -16.43 -16.31
C PRO B 420 -34.17 -17.63 -16.69
N ASN B 421 -34.78 -18.73 -17.11
CA ASN B 421 -33.99 -19.84 -17.65
C ASN B 421 -33.41 -19.46 -19.00
N PHE B 422 -34.14 -18.69 -19.80
CA PHE B 422 -33.56 -18.13 -21.02
C PHE B 422 -32.52 -17.07 -20.68
N GLY B 423 -32.71 -16.35 -19.56
CA GLY B 423 -31.69 -15.45 -19.09
C GLY B 423 -30.44 -16.19 -18.62
N TYR B 424 -30.61 -17.36 -18.02
CA TYR B 424 -29.49 -18.28 -17.85
C TYR B 424 -29.04 -18.85 -19.19
N ALA B 425 -29.96 -19.01 -20.14
CA ALA B 425 -29.54 -19.47 -21.46
C ALA B 425 -28.86 -18.35 -22.24
N ILE B 426 -28.95 -17.11 -21.77
CA ILE B 426 -28.02 -16.10 -22.26
C ILE B 426 -26.63 -16.36 -21.68
N SER B 427 -26.57 -16.90 -20.46
CA SER B 427 -25.26 -17.27 -19.92
C SER B 427 -24.81 -18.62 -20.46
N PHE B 428 -25.74 -19.57 -20.61
CA PHE B 428 -25.36 -20.93 -21.02
C PHE B 428 -24.94 -21.00 -22.49
N ILE B 429 -25.67 -20.34 -23.39
CA ILE B 429 -25.36 -20.45 -24.81
C ILE B 429 -24.18 -19.55 -25.16
N LEU B 430 -23.86 -18.59 -24.30
CA LEU B 430 -22.66 -17.79 -24.50
C LEU B 430 -21.40 -18.60 -24.25
N ILE B 431 -21.52 -19.70 -23.51
CA ILE B 431 -20.40 -20.62 -23.32
C ILE B 431 -20.11 -21.36 -24.61
N ILE B 432 -21.13 -21.64 -25.41
CA ILE B 432 -20.94 -22.35 -26.68
C ILE B 432 -20.19 -21.50 -27.68
N ASN B 433 -20.33 -20.17 -27.56
CA ASN B 433 -20.05 -19.24 -28.65
C ASN B 433 -18.56 -19.16 -28.99
N PHE B 434 -17.69 -19.32 -27.99
CA PHE B 434 -16.26 -19.18 -28.23
C PHE B 434 -15.61 -20.49 -28.67
N ILE B 435 -16.34 -21.59 -28.57
CA ILE B 435 -15.73 -22.91 -28.68
C ILE B 435 -15.35 -23.23 -30.12
N ALA B 436 -16.12 -22.73 -31.09
CA ALA B 436 -15.92 -23.15 -32.47
C ALA B 436 -14.71 -22.48 -33.10
N VAL B 437 -14.19 -21.42 -32.48
CA VAL B 437 -13.25 -20.53 -33.17
C VAL B 437 -11.85 -21.13 -33.19
N VAL B 438 -11.56 -22.03 -32.25
CA VAL B 438 -10.22 -22.60 -32.14
C VAL B 438 -9.92 -23.54 -33.30
N VAL B 439 -10.82 -24.48 -33.57
CA VAL B 439 -10.59 -25.42 -34.68
C VAL B 439 -10.78 -24.72 -36.01
N GLU B 440 -11.71 -23.76 -36.07
CA GLU B 440 -11.99 -23.02 -37.30
C GLU B 440 -10.82 -22.15 -37.72
N THR B 441 -9.97 -21.77 -36.75
CA THR B 441 -8.75 -21.03 -37.04
C THR B 441 -7.81 -21.81 -37.94
N THR B 442 -7.59 -23.08 -37.62
CA THR B 442 -6.68 -23.91 -38.41
C THR B 442 -7.27 -24.22 -39.78
N LEU B 443 -8.60 -24.39 -39.85
CA LEU B 443 -9.23 -24.90 -41.05
C LEU B 443 -9.51 -23.80 -42.07
N ASN B 444 -9.54 -22.53 -41.64
CA ASN B 444 -9.65 -21.43 -42.59
C ASN B 444 -8.33 -21.25 -43.35
N ILE B 445 -7.23 -21.72 -42.78
CA ILE B 445 -5.95 -21.74 -43.49
C ILE B 445 -5.99 -22.79 -44.60
N GLU B 446 -6.68 -23.90 -44.35
CA GLU B 446 -6.72 -25.01 -45.28
C GLU B 446 -8.00 -24.94 -46.11
N VAL B 456 -15.33 -11.55 -47.74
CA VAL B 456 -14.26 -12.42 -47.25
C VAL B 456 -14.88 -13.42 -46.27
N ALA B 457 -14.20 -14.54 -46.02
CA ALA B 457 -14.71 -15.53 -45.08
C ALA B 457 -14.56 -15.07 -43.64
N GLU B 458 -13.65 -14.12 -43.40
CA GLU B 458 -13.37 -13.68 -42.04
C GLU B 458 -14.50 -12.80 -41.51
N PHE B 459 -15.20 -12.11 -42.42
CA PHE B 459 -16.26 -11.19 -42.02
C PHE B 459 -17.55 -11.95 -41.70
N VAL B 460 -17.60 -13.24 -42.05
CA VAL B 460 -18.81 -14.04 -41.86
C VAL B 460 -19.11 -14.22 -40.38
N PHE B 461 -18.06 -14.34 -39.55
CA PHE B 461 -18.24 -14.62 -38.13
C PHE B 461 -18.56 -13.36 -37.34
N GLY B 462 -18.56 -12.20 -37.99
CA GLY B 462 -19.02 -10.99 -37.33
C GLY B 462 -20.52 -11.01 -37.12
N TRP B 463 -21.24 -11.71 -37.99
CA TRP B 463 -22.70 -11.73 -37.91
C TRP B 463 -23.17 -12.52 -36.70
N ILE B 464 -22.37 -13.48 -36.24
CA ILE B 464 -22.74 -14.28 -35.08
C ILE B 464 -22.60 -13.45 -33.81
N TYR B 465 -21.64 -12.53 -33.82
CA TYR B 465 -21.30 -11.79 -32.62
C TYR B 465 -22.32 -10.71 -32.32
N VAL B 466 -22.77 -9.99 -33.35
CA VAL B 466 -23.69 -8.88 -33.13
C VAL B 466 -25.07 -9.42 -32.77
N LEU B 467 -25.35 -10.66 -33.18
CA LEU B 467 -26.68 -11.23 -33.11
C LEU B 467 -27.14 -11.42 -31.68
N GLU B 468 -26.26 -11.89 -30.81
CA GLU B 468 -26.66 -12.15 -29.42
C GLU B 468 -26.89 -10.86 -28.66
N MET B 469 -26.18 -9.79 -29.04
CA MET B 469 -26.34 -8.54 -28.31
C MET B 469 -27.49 -7.71 -28.85
N ALA B 470 -28.00 -8.05 -30.04
CA ALA B 470 -29.16 -7.33 -30.55
C ALA B 470 -30.43 -7.74 -29.82
N LEU B 471 -30.38 -8.87 -29.11
CA LEU B 471 -31.57 -9.43 -28.47
C LEU B 471 -31.97 -8.62 -27.25
N LYS B 472 -31.04 -8.47 -26.30
CA LYS B 472 -31.38 -7.99 -24.96
C LYS B 472 -31.56 -6.49 -24.93
N ILE B 473 -31.04 -5.80 -25.95
CA ILE B 473 -31.28 -4.37 -26.10
C ILE B 473 -32.76 -4.10 -26.22
N TYR B 474 -33.43 -4.90 -27.03
CA TYR B 474 -34.86 -4.73 -27.24
C TYR B 474 -35.61 -5.22 -26.02
N THR B 475 -35.00 -6.13 -25.27
CA THR B 475 -35.57 -6.56 -24.00
C THR B 475 -35.37 -5.49 -22.93
N TYR B 476 -34.23 -4.84 -22.95
CA TYR B 476 -33.94 -3.86 -21.90
C TYR B 476 -34.38 -2.48 -22.31
N GLY B 477 -33.95 -2.04 -23.47
CA GLY B 477 -33.92 -0.62 -23.70
C GLY B 477 -32.49 -0.13 -23.75
N PHE B 478 -32.31 1.05 -24.33
CA PHE B 478 -30.98 1.54 -24.65
C PHE B 478 -30.22 1.92 -23.40
N GLU B 479 -30.74 2.87 -22.63
CA GLU B 479 -30.05 3.27 -21.41
C GLU B 479 -30.20 2.20 -20.34
N ASN B 480 -31.23 1.36 -20.45
CA ASN B 480 -31.32 0.18 -19.62
C ASN B 480 -30.17 -0.78 -19.92
N TYR B 481 -29.76 -0.83 -21.18
CA TYR B 481 -28.53 -1.53 -21.51
C TYR B 481 -27.33 -0.74 -21.04
N TRP B 482 -27.43 0.59 -20.98
CA TRP B 482 -26.31 1.39 -20.50
C TRP B 482 -26.19 1.31 -18.99
N ARG B 483 -27.27 0.95 -18.29
CA ARG B 483 -27.16 0.81 -16.83
C ARG B 483 -26.47 -0.49 -16.45
N GLU B 484 -26.28 -1.38 -17.40
CA GLU B 484 -25.70 -2.68 -17.10
C GLU B 484 -24.19 -2.51 -16.87
N GLY B 485 -23.58 -3.48 -16.17
CA GLY B 485 -22.30 -3.23 -15.54
C GLY B 485 -21.16 -3.05 -16.52
N ALA B 486 -20.76 -4.12 -17.18
CA ALA B 486 -19.71 -3.98 -18.18
C ALA B 486 -20.20 -4.43 -19.55
N ASN B 487 -21.44 -4.88 -19.62
CA ASN B 487 -22.08 -5.08 -20.91
C ASN B 487 -22.24 -3.75 -21.63
N ARG B 488 -22.38 -2.68 -20.85
CA ARG B 488 -22.15 -1.32 -21.32
C ARG B 488 -20.84 -1.21 -22.10
N PHE B 489 -19.77 -1.75 -21.54
CA PHE B 489 -18.47 -1.65 -22.18
C PHE B 489 -18.40 -2.56 -23.41
N ASP B 490 -19.25 -3.59 -23.43
CA ASP B 490 -19.20 -4.58 -24.51
C ASP B 490 -19.62 -3.98 -25.83
N PHE B 491 -20.71 -3.22 -25.83
CA PHE B 491 -21.22 -2.64 -27.07
C PHE B 491 -20.29 -1.56 -27.58
N LEU B 492 -19.55 -0.93 -26.66
CA LEU B 492 -18.47 -0.04 -27.05
C LEU B 492 -17.40 -0.78 -27.84
N VAL B 493 -17.09 -2.01 -27.41
CA VAL B 493 -16.15 -2.84 -28.17
C VAL B 493 -16.80 -3.31 -29.46
N THR B 494 -18.08 -3.65 -29.38
CA THR B 494 -18.77 -4.44 -30.40
C THR B 494 -18.87 -3.71 -31.73
N TRP B 495 -19.27 -2.44 -31.70
CA TRP B 495 -19.54 -1.75 -32.95
C TRP B 495 -18.26 -1.43 -33.71
N VAL B 496 -17.16 -1.19 -32.98
CA VAL B 496 -15.90 -0.89 -33.65
C VAL B 496 -15.36 -2.13 -34.34
N ILE B 497 -15.69 -3.31 -33.79
CA ILE B 497 -15.40 -4.57 -34.46
C ILE B 497 -16.11 -4.64 -35.80
N VAL B 498 -17.35 -4.18 -35.83
CA VAL B 498 -18.09 -4.11 -37.07
C VAL B 498 -17.49 -3.04 -37.99
N ILE B 499 -17.03 -1.94 -37.40
CA ILE B 499 -16.41 -0.89 -38.21
C ILE B 499 -15.01 -1.30 -38.63
N GLY B 500 -14.27 -1.99 -37.76
CA GLY B 500 -12.90 -2.34 -38.07
C GLY B 500 -12.79 -3.44 -39.10
N GLU B 501 -13.87 -4.19 -39.32
CA GLU B 501 -13.86 -5.22 -40.34
C GLU B 501 -14.19 -4.69 -41.72
N THR B 502 -14.89 -3.56 -41.79
CA THR B 502 -15.22 -2.99 -43.09
C THR B 502 -14.03 -2.27 -43.68
N ALA B 503 -13.29 -1.54 -42.84
CA ALA B 503 -12.10 -0.84 -43.30
C ALA B 503 -10.90 -1.78 -43.33
N GLN B 518 -8.08 -12.22 -38.62
CA GLN B 518 -6.85 -12.28 -37.84
C GLN B 518 -6.96 -11.69 -36.44
N TRP B 519 -7.41 -10.45 -36.34
CA TRP B 519 -7.49 -9.82 -35.03
C TRP B 519 -8.70 -10.33 -34.26
N ILE B 520 -9.69 -10.86 -34.99
CA ILE B 520 -10.88 -11.47 -34.39
C ILE B 520 -10.48 -12.64 -33.49
N ARG B 521 -9.43 -13.36 -33.87
CA ARG B 521 -8.83 -14.42 -33.07
C ARG B 521 -8.48 -13.92 -31.67
N TYR B 522 -7.91 -12.72 -31.59
CA TYR B 522 -7.52 -12.15 -30.31
C TYR B 522 -8.70 -11.42 -29.69
N LEU B 523 -9.77 -11.29 -30.46
CA LEU B 523 -10.97 -10.63 -30.00
C LEU B 523 -11.97 -11.61 -29.45
N LEU B 524 -11.72 -12.90 -29.67
CA LEU B 524 -12.49 -13.98 -29.05
C LEU B 524 -12.47 -13.94 -27.53
N LEU B 525 -11.43 -13.35 -26.95
CA LEU B 525 -11.12 -13.56 -25.55
C LEU B 525 -12.07 -12.81 -24.65
N ALA B 526 -12.80 -11.86 -25.23
CA ALA B 526 -13.72 -11.05 -24.45
C ALA B 526 -14.92 -11.87 -23.99
N ARG B 527 -15.22 -12.97 -24.68
CA ARG B 527 -16.31 -13.81 -24.24
C ARG B 527 -15.94 -14.58 -22.98
N MET B 528 -14.74 -15.19 -22.96
CA MET B 528 -14.32 -15.92 -21.78
C MET B 528 -13.91 -14.96 -20.66
N LEU B 529 -13.68 -13.70 -21.01
CA LEU B 529 -13.38 -12.66 -20.05
C LEU B 529 -14.53 -12.46 -19.06
N ARG B 530 -15.75 -12.75 -19.48
CA ARG B 530 -16.87 -12.55 -18.58
C ARG B 530 -17.27 -13.86 -17.92
N LEU B 531 -16.53 -14.92 -18.22
CA LEU B 531 -16.78 -16.18 -17.53
C LEU B 531 -16.06 -16.20 -16.20
N ILE B 532 -15.15 -15.26 -15.97
CA ILE B 532 -14.48 -15.13 -14.68
C ILE B 532 -15.38 -14.30 -13.80
N ARG B 533 -16.44 -13.76 -14.39
CA ARG B 533 -17.51 -13.22 -13.60
C ARG B 533 -18.44 -14.31 -13.11
N LEU B 534 -18.25 -15.54 -13.59
CA LEU B 534 -18.81 -16.70 -12.91
C LEU B 534 -17.80 -17.33 -11.97
N LEU B 535 -16.67 -16.67 -11.74
CA LEU B 535 -15.78 -17.17 -10.71
C LEU B 535 -15.99 -16.44 -9.41
N MET B 536 -16.69 -15.31 -9.46
CA MET B 536 -16.78 -14.50 -8.26
C MET B 536 -17.83 -15.03 -7.31
N ASN B 537 -18.67 -15.94 -7.78
CA ASN B 537 -19.66 -16.56 -6.90
C ASN B 537 -19.02 -17.64 -6.03
N VAL B 538 -17.81 -18.07 -6.37
CA VAL B 538 -17.07 -19.01 -5.54
C VAL B 538 -16.69 -18.33 -4.24
N GLN B 539 -17.02 -18.98 -3.13
CA GLN B 539 -16.95 -18.32 -1.83
C GLN B 539 -15.52 -18.16 -1.36
N ARG B 540 -14.63 -19.03 -1.82
CA ARG B 540 -13.24 -18.89 -1.42
C ARG B 540 -12.61 -17.67 -2.06
N TYR B 541 -13.04 -17.33 -3.27
CA TYR B 541 -12.44 -16.28 -4.07
C TYR B 541 -13.41 -15.13 -4.28
N ARG B 542 -14.34 -14.92 -3.37
CA ARG B 542 -15.42 -14.00 -3.68
C ARG B 542 -15.01 -12.57 -3.50
N ALA B 543 -14.53 -12.19 -2.31
CA ALA B 543 -14.31 -10.78 -2.01
C ALA B 543 -13.16 -10.21 -2.81
N PHE B 544 -12.33 -11.07 -3.39
CA PHE B 544 -11.32 -10.59 -4.30
C PHE B 544 -11.95 -10.14 -5.59
N ILE B 545 -12.72 -11.01 -6.22
CA ILE B 545 -13.22 -10.68 -7.54
C ILE B 545 -14.48 -9.84 -7.41
N ALA B 546 -15.04 -9.76 -6.21
CA ALA B 546 -16.05 -8.74 -5.93
C ALA B 546 -15.44 -7.35 -6.07
N THR B 547 -14.21 -7.18 -5.62
CA THR B 547 -13.51 -5.93 -5.85
C THR B 547 -13.21 -5.77 -7.32
N PHE B 548 -12.54 -6.75 -7.89
CA PHE B 548 -11.78 -6.56 -9.12
C PHE B 548 -12.70 -6.33 -10.31
N ILE B 549 -13.95 -6.76 -10.19
CA ILE B 549 -14.92 -6.47 -11.23
C ILE B 549 -15.62 -5.16 -10.95
N THR B 550 -15.86 -4.86 -9.68
CA THR B 550 -16.44 -3.57 -9.35
C THR B 550 -15.43 -2.45 -9.54
N LEU B 551 -14.15 -2.80 -9.53
CA LEU B 551 -13.11 -1.78 -9.62
C LEU B 551 -12.76 -1.44 -11.04
N ILE B 552 -13.43 -2.06 -12.00
CA ILE B 552 -13.25 -1.64 -13.37
C ILE B 552 -14.02 -0.37 -13.67
N PRO B 553 -15.28 -0.18 -13.25
CA PRO B 553 -15.85 1.16 -13.40
C PRO B 553 -15.36 2.13 -12.34
N SER B 554 -14.81 1.62 -11.25
CA SER B 554 -14.44 2.50 -10.15
C SER B 554 -13.13 3.21 -10.43
N LEU B 555 -12.35 2.70 -11.37
CA LEU B 555 -11.13 3.37 -11.76
C LEU B 555 -11.10 3.74 -13.22
N MET B 556 -12.20 4.15 -13.78
CA MET B 556 -12.09 5.00 -14.95
C MET B 556 -11.80 6.46 -14.63
N PRO B 557 -12.32 7.08 -13.56
CA PRO B 557 -11.80 8.42 -13.25
C PRO B 557 -10.36 8.43 -12.82
N TYR B 558 -9.98 7.63 -11.84
CA TYR B 558 -8.69 7.88 -11.22
C TYR B 558 -7.56 7.32 -12.08
N LEU B 559 -7.90 6.51 -13.07
CA LEU B 559 -6.94 6.17 -14.11
C LEU B 559 -7.19 6.99 -15.35
N GLY B 560 -8.28 7.73 -15.38
CA GLY B 560 -8.44 8.68 -16.47
C GLY B 560 -7.57 9.89 -16.26
N THR B 561 -7.46 10.36 -15.02
CA THR B 561 -6.67 11.54 -14.71
C THR B 561 -5.21 11.30 -15.00
N ILE B 562 -4.72 10.12 -14.63
CA ILE B 562 -3.36 9.73 -14.91
C ILE B 562 -3.12 9.63 -16.40
N PHE B 563 -4.12 9.23 -17.17
CA PHE B 563 -3.96 9.29 -18.62
C PHE B 563 -3.86 10.72 -19.09
N CYS B 564 -4.52 11.65 -18.39
CA CYS B 564 -4.46 13.03 -18.81
C CYS B 564 -3.14 13.68 -18.44
N VAL B 565 -2.58 13.28 -17.29
CA VAL B 565 -1.30 13.82 -16.87
C VAL B 565 -0.20 13.44 -17.85
N LEU B 566 -0.33 12.27 -18.48
CA LEU B 566 0.67 11.92 -19.49
C LEU B 566 0.52 12.76 -20.73
N CYS B 567 -0.72 13.10 -21.09
CA CYS B 567 -0.93 13.87 -22.30
C CYS B 567 -0.51 15.31 -22.10
N ILE B 568 -0.33 15.72 -20.85
CA ILE B 568 0.38 16.95 -20.57
C ILE B 568 1.87 16.74 -20.67
N TYR B 569 2.36 15.66 -20.08
CA TYR B 569 3.79 15.46 -20.02
C TYR B 569 4.36 15.01 -21.34
N CYS B 570 3.57 14.32 -22.15
CA CYS B 570 4.05 14.01 -23.48
C CYS B 570 4.20 15.28 -24.29
N SER B 571 3.19 16.15 -24.21
CA SER B 571 3.19 17.36 -25.03
C SER B 571 4.28 18.32 -24.59
N ILE B 572 4.70 18.24 -23.34
CA ILE B 572 5.90 18.95 -22.95
C ILE B 572 7.13 18.27 -23.54
N GLY B 573 7.15 16.94 -23.52
CA GLY B 573 8.30 16.23 -24.05
C GLY B 573 8.42 16.37 -25.57
N VAL B 574 7.30 16.52 -26.25
CA VAL B 574 7.33 16.81 -27.68
C VAL B 574 7.96 18.16 -27.91
N GLN B 575 7.56 19.16 -27.14
CA GLN B 575 8.05 20.51 -27.39
C GLN B 575 9.46 20.68 -26.85
N VAL B 576 9.71 20.19 -25.64
CA VAL B 576 11.02 20.41 -25.03
C VAL B 576 12.06 19.46 -25.62
N PHE B 577 11.75 18.17 -25.66
CA PHE B 577 12.71 17.13 -26.02
C PHE B 577 12.49 16.55 -27.41
N GLY B 578 12.05 17.34 -28.39
CA GLY B 578 11.50 16.75 -29.61
C GLY B 578 12.53 16.11 -30.51
N GLY B 579 13.33 16.89 -31.19
CA GLY B 579 14.06 16.33 -32.30
C GLY B 579 15.45 15.82 -32.01
N LEU B 580 15.75 15.45 -30.77
CA LEU B 580 17.14 15.27 -30.39
C LEU B 580 17.68 13.92 -30.83
N VAL B 581 16.86 12.88 -30.72
CA VAL B 581 17.32 11.53 -30.99
C VAL B 581 17.30 11.35 -32.49
N ASN B 582 18.38 11.74 -33.14
CA ASN B 582 18.42 11.66 -34.59
C ASN B 582 18.76 10.27 -35.02
N ALA B 583 18.64 10.03 -36.31
CA ALA B 583 19.44 8.96 -36.90
C ALA B 583 20.91 9.27 -36.73
N GLY B 584 21.31 10.48 -37.09
CA GLY B 584 22.72 10.79 -37.22
C GLY B 584 23.29 11.58 -36.05
N ASN B 585 22.74 11.38 -34.86
CA ASN B 585 23.36 12.00 -33.70
C ASN B 585 24.52 11.14 -33.23
N LYS B 586 25.62 11.80 -32.90
CA LYS B 586 26.82 11.07 -32.51
C LYS B 586 27.01 11.14 -31.01
N LYS B 587 26.23 11.99 -30.34
CA LYS B 587 26.21 11.96 -28.88
C LYS B 587 25.21 10.93 -28.38
N LEU B 588 24.51 10.27 -29.29
CA LEU B 588 23.48 9.32 -28.88
C LEU B 588 24.06 7.97 -28.54
N PHE B 589 24.90 7.43 -29.42
CA PHE B 589 25.15 5.99 -29.41
C PHE B 589 26.00 5.55 -28.24
N GLU B 590 26.58 6.48 -27.51
CA GLU B 590 27.33 6.10 -26.33
C GLU B 590 26.46 6.14 -25.09
N THR B 591 25.18 6.45 -25.25
CA THR B 591 24.30 6.54 -24.10
C THR B 591 23.47 5.29 -23.96
N GLU B 592 22.77 5.22 -22.83
CA GLU B 592 22.13 3.98 -22.41
C GLU B 592 20.94 3.64 -23.27
N LEU B 593 20.39 4.61 -24.00
CA LEU B 593 19.33 4.28 -24.93
C LEU B 593 19.87 3.49 -26.11
N ALA B 594 21.16 3.55 -26.37
CA ALA B 594 21.70 2.74 -27.45
C ALA B 594 22.15 1.38 -26.95
N GLU B 595 22.81 1.34 -25.80
CA GLU B 595 23.34 0.09 -25.28
C GLU B 595 22.21 -0.85 -24.89
N ASP B 596 21.28 -0.37 -24.08
CA ASP B 596 20.08 -1.12 -23.75
C ASP B 596 19.10 -1.14 -24.90
N ASP B 597 19.34 -0.34 -25.93
CA ASP B 597 18.62 -0.37 -27.21
C ASP B 597 17.15 -0.07 -27.04
N TYR B 598 16.85 0.99 -26.33
CA TYR B 598 15.49 1.44 -26.21
C TYR B 598 15.22 2.59 -27.16
N LEU B 599 15.79 2.58 -28.36
CA LEU B 599 15.78 3.78 -29.19
C LEU B 599 14.40 4.11 -29.70
N LEU B 600 13.48 3.14 -29.69
CA LEU B 600 12.14 3.40 -30.19
C LEU B 600 11.33 4.17 -29.18
N PHE B 601 11.89 4.44 -28.01
CA PHE B 601 11.19 5.09 -26.92
C PHE B 601 11.61 6.52 -26.73
N ASN B 602 11.66 7.28 -27.80
CA ASN B 602 11.87 8.69 -27.68
C ASN B 602 10.54 9.32 -27.46
N PHE B 603 10.53 10.54 -26.94
CA PHE B 603 9.54 11.47 -27.44
C PHE B 603 10.15 12.34 -28.54
N ASN B 604 10.33 11.70 -29.70
CA ASN B 604 10.44 12.45 -30.93
C ASN B 604 9.07 12.85 -31.44
N ASP B 605 8.16 11.90 -31.53
CA ASP B 605 6.83 12.25 -31.95
C ASP B 605 5.93 12.44 -30.75
N TYR B 606 4.64 12.55 -31.02
CA TYR B 606 3.73 12.42 -29.91
C TYR B 606 3.63 10.99 -29.40
N PRO B 607 3.13 9.99 -30.14
CA PRO B 607 2.66 8.79 -29.45
C PRO B 607 3.78 7.89 -28.98
N ASN B 608 5.00 8.08 -29.50
CA ASN B 608 6.15 7.41 -28.92
C ASN B 608 6.50 7.99 -27.57
N GLY B 609 6.12 9.21 -27.34
CA GLY B 609 6.30 9.78 -26.03
C GLY B 609 5.11 9.51 -25.13
N MET B 610 4.01 9.06 -25.71
CA MET B 610 2.90 8.62 -24.89
C MET B 610 3.24 7.30 -24.23
N VAL B 611 4.00 6.46 -24.93
CA VAL B 611 4.34 5.15 -24.43
C VAL B 611 5.60 5.22 -23.59
N THR B 612 6.47 6.18 -23.89
CA THR B 612 7.67 6.31 -23.08
C THR B 612 7.32 6.77 -21.69
N LEU B 613 6.28 7.57 -21.56
CA LEU B 613 5.78 7.92 -20.25
C LEU B 613 5.16 6.75 -19.53
N PHE B 614 4.73 5.73 -20.27
CA PHE B 614 4.22 4.57 -19.57
C PHE B 614 5.31 3.89 -18.77
N ASN B 615 6.49 3.72 -19.34
CA ASN B 615 7.52 2.99 -18.62
C ASN B 615 8.04 3.80 -17.45
N LEU B 616 8.01 5.11 -17.60
CA LEU B 616 8.38 6.01 -16.53
C LEU B 616 7.35 5.99 -15.43
N LEU B 617 6.13 5.58 -15.76
CA LEU B 617 5.08 5.44 -14.78
C LEU B 617 5.16 4.11 -14.06
N VAL B 618 5.73 3.11 -14.73
CA VAL B 618 5.79 1.78 -14.17
C VAL B 618 6.95 1.65 -13.22
N MET B 619 8.02 2.41 -13.47
CA MET B 619 9.37 2.34 -12.88
C MET B 619 10.13 1.10 -13.33
N GLY B 620 10.04 0.78 -14.60
CA GLY B 620 10.90 -0.26 -15.13
C GLY B 620 12.04 0.37 -15.89
N ASN B 621 13.22 0.42 -15.27
CA ASN B 621 14.44 1.01 -15.84
C ASN B 621 14.25 2.45 -16.28
N TRP B 622 13.60 3.27 -15.46
CA TRP B 622 13.25 4.62 -15.88
C TRP B 622 14.43 5.55 -15.82
N GLN B 623 15.57 5.12 -15.31
CA GLN B 623 16.70 6.02 -15.27
C GLN B 623 17.49 5.95 -16.56
N VAL B 624 17.12 5.07 -17.49
CA VAL B 624 17.76 5.05 -18.80
C VAL B 624 17.45 6.34 -19.54
N TRP B 625 16.21 6.80 -19.43
CA TRP B 625 15.84 8.03 -20.11
C TRP B 625 16.44 9.24 -19.40
N MET B 626 16.41 9.24 -18.07
CA MET B 626 16.88 10.39 -17.28
C MET B 626 18.38 10.60 -17.45
N GLU B 627 19.14 9.53 -17.60
CA GLU B 627 20.55 9.69 -17.86
C GLU B 627 20.82 9.87 -19.34
N SER B 628 19.82 9.65 -20.19
CA SER B 628 20.04 9.98 -21.59
C SER B 628 19.87 11.46 -21.82
N TYR B 629 18.78 12.01 -21.31
CA TYR B 629 18.42 13.35 -21.70
C TYR B 629 19.23 14.37 -20.93
N LYS B 630 19.91 13.94 -19.88
CA LYS B 630 20.95 14.76 -19.28
C LYS B 630 22.17 14.80 -20.18
N ASP B 631 22.28 13.84 -21.11
CA ASP B 631 23.37 13.93 -22.06
C ASP B 631 22.89 14.45 -23.41
N LEU B 632 21.63 14.24 -23.74
CA LEU B 632 21.18 14.67 -25.06
C LEU B 632 20.94 16.17 -25.10
N THR B 633 20.12 16.69 -24.20
CA THR B 633 20.07 18.13 -24.08
C THR B 633 21.35 18.67 -23.49
N GLY B 634 22.07 17.85 -22.75
CA GLY B 634 23.42 18.19 -22.39
C GLY B 634 23.54 19.01 -21.13
N THR B 635 22.45 19.52 -20.60
CA THR B 635 22.52 20.22 -19.34
C THR B 635 21.47 19.72 -18.38
N TRP B 636 21.70 19.99 -17.12
CA TRP B 636 21.02 19.30 -16.05
C TRP B 636 19.64 19.81 -15.76
N TRP B 637 19.06 20.65 -16.60
CA TRP B 637 17.71 21.07 -16.32
C TRP B 637 16.70 20.08 -16.86
N SER B 638 17.18 19.12 -17.64
CA SER B 638 16.33 18.07 -18.14
C SER B 638 15.99 17.07 -17.05
N ILE B 639 16.82 17.03 -16.01
CA ILE B 639 16.60 16.15 -14.86
C ILE B 639 15.31 16.51 -14.19
N THR B 640 15.01 17.80 -14.13
CA THR B 640 13.82 18.27 -13.43
C THR B 640 12.53 17.96 -14.23
N TYR B 641 12.67 17.48 -15.46
CA TYR B 641 11.51 16.87 -16.09
C TYR B 641 11.07 15.63 -15.36
N PHE B 642 11.98 14.67 -15.18
CA PHE B 642 11.57 13.35 -14.76
C PHE B 642 11.31 13.27 -13.27
N VAL B 643 11.94 14.13 -12.49
CA VAL B 643 11.57 14.18 -11.08
C VAL B 643 10.21 14.79 -10.92
N SER B 644 9.86 15.76 -11.77
CA SER B 644 8.51 16.28 -11.78
C SER B 644 7.53 15.22 -12.21
N PHE B 645 7.99 14.25 -12.99
CA PHE B 645 7.10 13.14 -13.27
C PHE B 645 7.02 12.23 -12.07
N TYR B 646 8.03 12.20 -11.22
CA TYR B 646 7.96 11.25 -10.12
C TYR B 646 7.05 11.75 -9.03
N VAL B 647 7.27 13.00 -8.62
CA VAL B 647 6.59 13.62 -7.48
C VAL B 647 5.09 13.73 -7.76
N ILE B 648 4.73 13.95 -9.01
CA ILE B 648 3.33 14.13 -9.34
C ILE B 648 2.64 12.79 -9.53
N THR B 649 3.31 11.84 -10.14
CA THR B 649 2.68 10.55 -10.37
C THR B 649 2.66 9.70 -9.11
N ILE B 650 3.70 9.77 -8.29
CA ILE B 650 3.68 8.98 -7.05
C ILE B 650 3.01 9.76 -5.92
N LEU B 651 2.26 10.80 -6.28
CA LEU B 651 0.96 11.01 -5.67
C LEU B 651 -0.09 10.15 -6.34
N LEU B 652 -0.29 10.35 -7.65
CA LEU B 652 -1.45 9.81 -8.36
C LEU B 652 -1.43 8.29 -8.44
N LEU B 653 -0.26 7.68 -8.33
CA LEU B 653 -0.27 6.23 -8.16
C LEU B 653 -0.59 5.85 -6.75
N LEU B 654 0.11 6.42 -5.78
CA LEU B 654 -0.15 6.05 -4.41
C LEU B 654 -1.48 6.58 -3.95
N ASN B 655 -1.99 7.65 -4.54
CA ASN B 655 -3.35 8.01 -4.20
C ASN B 655 -4.34 7.19 -4.96
N LEU B 656 -4.47 7.52 -6.21
CA LEU B 656 -5.73 7.35 -6.90
C LEU B 656 -5.86 5.92 -7.39
N VAL B 657 -4.73 5.27 -7.65
CA VAL B 657 -4.82 3.85 -7.87
C VAL B 657 -4.77 3.12 -6.54
N VAL B 658 -3.61 3.18 -5.88
CA VAL B 658 -3.31 2.19 -4.85
C VAL B 658 -4.18 2.38 -3.63
N ALA B 659 -4.34 3.61 -3.18
CA ALA B 659 -5.05 3.80 -1.93
C ALA B 659 -6.54 3.62 -2.12
N PHE B 660 -7.01 3.70 -3.35
CA PHE B 660 -8.45 3.58 -3.55
C PHE B 660 -8.88 2.15 -3.50
N VAL B 661 -8.01 1.24 -3.94
CA VAL B 661 -8.34 -0.17 -3.92
C VAL B 661 -8.44 -0.66 -2.49
N LEU B 662 -7.58 -0.16 -1.62
CA LEU B 662 -7.58 -0.63 -0.23
C LEU B 662 -8.76 -0.06 0.52
N GLU B 663 -9.37 0.99 -0.01
CA GLU B 663 -10.69 1.36 0.47
C GLU B 663 -11.74 0.44 -0.09
N ALA B 664 -11.78 0.29 -1.41
CA ALA B 664 -12.94 -0.30 -2.03
C ALA B 664 -12.97 -1.80 -1.88
N PHE B 665 -11.82 -2.40 -1.60
CA PHE B 665 -11.82 -3.80 -1.19
C PHE B 665 -12.53 -3.97 0.14
N PHE B 666 -12.43 -2.97 1.02
CA PHE B 666 -13.09 -3.06 2.31
C PHE B 666 -14.57 -2.83 2.17
N THR B 667 -14.97 -2.13 1.12
CA THR B 667 -16.40 -1.99 0.86
C THR B 667 -16.98 -3.31 0.37
N GLU B 668 -16.23 -4.05 -0.44
CA GLU B 668 -16.70 -5.36 -0.84
C GLU B 668 -16.68 -6.32 0.33
N LEU B 669 -15.74 -6.12 1.25
CA LEU B 669 -15.49 -7.12 2.27
C LEU B 669 -16.57 -7.09 3.34
N ASP B 670 -16.89 -5.92 3.84
CA ASP B 670 -17.87 -5.87 4.91
C ASP B 670 -19.28 -6.08 4.36
N LEU B 671 -19.54 -5.62 3.13
CA LEU B 671 -20.83 -5.90 2.50
C LEU B 671 -20.96 -7.36 2.10
N GLU B 672 -19.85 -8.09 2.10
CA GLU B 672 -19.91 -9.54 2.07
C GLU B 672 -20.17 -10.09 3.46
N GLU B 673 -19.51 -9.52 4.46
CA GLU B 673 -19.74 -9.98 5.83
C GLU B 673 -21.12 -9.58 6.33
N GLU B 674 -21.50 -8.31 6.12
CA GLU B 674 -22.77 -7.84 6.65
C GLU B 674 -23.93 -8.20 5.73
N GLU B 675 -23.66 -8.95 4.67
CA GLU B 675 -24.73 -9.68 4.01
C GLU B 675 -25.02 -10.98 4.75
N LYS B 676 -23.99 -11.63 5.28
CA LYS B 676 -24.24 -12.86 6.02
C LYS B 676 -24.52 -12.56 7.48
N CYS B 677 -24.03 -11.43 7.99
CA CYS B 677 -24.41 -11.03 9.33
C CYS B 677 -25.89 -10.66 9.40
N GLN B 678 -26.34 -9.69 8.60
CA GLN B 678 -27.76 -9.33 8.59
C GLN B 678 -28.57 -10.27 7.71
N GLY B 679 -27.93 -11.26 7.10
CA GLY B 679 -28.67 -12.44 6.66
C GLY B 679 -29.05 -13.33 7.83
N GLN B 680 -28.38 -13.14 8.96
CA GLN B 680 -28.70 -13.90 10.16
C GLN B 680 -29.35 -12.99 11.22
N ASP B 681 -29.03 -11.70 11.18
CA ASP B 681 -29.32 -10.83 12.32
C ASP B 681 -30.78 -10.38 12.31
N SER B 682 -31.18 -9.64 11.28
CA SER B 682 -32.53 -9.09 11.19
C SER B 682 -33.16 -9.39 9.83
#